data_1RES
# 
_entry.id   1RES 
# 
_audit_conform.dict_name       mmcif_pdbx.dic 
_audit_conform.dict_version    5.392 
_audit_conform.dict_location   http://mmcif.pdb.org/dictionaries/ascii/mmcif_pdbx.dic 
# 
loop_
_database_2.database_id 
_database_2.database_code 
_database_2.pdbx_database_accession 
_database_2.pdbx_DOI 
PDB   1RES         pdb_00001res 10.2210/pdb1res/pdb 
WWPDB D_1000176058 ?            ?                   
# 
loop_
_pdbx_audit_revision_history.ordinal 
_pdbx_audit_revision_history.data_content_type 
_pdbx_audit_revision_history.major_revision 
_pdbx_audit_revision_history.minor_revision 
_pdbx_audit_revision_history.revision_date 
1 'Structure model' 1 0 1994-11-30 
2 'Structure model' 1 1 2008-03-24 
3 'Structure model' 1 2 2011-07-13 
4 'Structure model' 1 3 2022-03-02 
5 'Structure model' 1 4 2024-05-22 
# 
_pdbx_audit_revision_details.ordinal             1 
_pdbx_audit_revision_details.revision_ordinal    1 
_pdbx_audit_revision_details.data_content_type   'Structure model' 
_pdbx_audit_revision_details.provider            repository 
_pdbx_audit_revision_details.type                'Initial release' 
_pdbx_audit_revision_details.description         ? 
_pdbx_audit_revision_details.details             ? 
# 
loop_
_pdbx_audit_revision_group.ordinal 
_pdbx_audit_revision_group.revision_ordinal 
_pdbx_audit_revision_group.data_content_type 
_pdbx_audit_revision_group.group 
1 2 'Structure model' 'Version format compliance' 
2 3 'Structure model' 'Version format compliance' 
3 4 'Structure model' 'Database references'       
4 4 'Structure model' 'Derived calculations'      
5 4 'Structure model' Other                       
6 5 'Structure model' 'Data collection'           
# 
loop_
_pdbx_audit_revision_category.ordinal 
_pdbx_audit_revision_category.revision_ordinal 
_pdbx_audit_revision_category.data_content_type 
_pdbx_audit_revision_category.category 
1 4 'Structure model' database_2            
2 4 'Structure model' pdbx_database_status  
3 4 'Structure model' pdbx_struct_assembly  
4 4 'Structure model' pdbx_struct_oper_list 
5 5 'Structure model' chem_comp_atom        
6 5 'Structure model' chem_comp_bond        
# 
loop_
_pdbx_audit_revision_item.ordinal 
_pdbx_audit_revision_item.revision_ordinal 
_pdbx_audit_revision_item.data_content_type 
_pdbx_audit_revision_item.item 
1 4 'Structure model' '_database_2.pdbx_DOI'                
2 4 'Structure model' '_database_2.pdbx_database_accession' 
3 4 'Structure model' '_pdbx_database_status.process_site'  
# 
_pdbx_database_status.status_code                     REL 
_pdbx_database_status.entry_id                        1RES 
_pdbx_database_status.recvd_initial_deposition_date   1994-06-29 
_pdbx_database_status.deposit_site                    ? 
_pdbx_database_status.process_site                    BNL 
_pdbx_database_status.SG_entry                        . 
_pdbx_database_status.pdb_format_compatible           Y 
_pdbx_database_status.status_code_mr                  ? 
_pdbx_database_status.status_code_sf                  ? 
_pdbx_database_status.status_code_cs                  ? 
_pdbx_database_status.status_code_nmr_data            ? 
_pdbx_database_status.methods_development_category    ? 
# 
_pdbx_database_related.db_name        PDB 
_pdbx_database_related.db_id          1RET 
_pdbx_database_related.details        . 
_pdbx_database_related.content_type   ensemble 
# 
_audit_author.name           'Mullen, G.P.' 
_audit_author.pdbx_ordinal   1 
# 
_citation.id                        primary 
_citation.title                     
'Determination of the structure of the DNA binding domain of gamma delta resolvase in solution.' 
_citation.journal_abbrev            'Protein Sci.' 
_citation.journal_volume            3 
_citation.page_first                1286 
_citation.page_last                 1295 
_citation.year                      1994 
_citation.journal_id_ASTM           PRCIEI 
_citation.country                   US 
_citation.journal_id_ISSN           0961-8368 
_citation.journal_id_CSD            0795 
_citation.book_publisher            ? 
_citation.pdbx_database_id_PubMed   7987224 
_citation.pdbx_database_id_DOI      ? 
# 
loop_
_citation_author.citation_id 
_citation_author.name 
_citation_author.ordinal 
_citation_author.identifier_ORCID 
primary 'Liu, T.'      1 ? 
primary 'DeRose, E.F.' 2 ? 
primary 'Mullen, G.P.' 3 ? 
# 
_entity.id                         1 
_entity.type                       polymer 
_entity.src_method                 man 
_entity.pdbx_description           'GAMMA DELTA-RESOLVASE' 
_entity.formula_weight             4896.637 
_entity.pdbx_number_of_molecules   1 
_entity.pdbx_ec                    ? 
_entity.pdbx_mutation              ? 
_entity.pdbx_fragment              ? 
_entity.details                    ? 
# 
_entity_poly.entity_id                      1 
_entity_poly.type                           'polypeptide(L)' 
_entity_poly.nstd_linkage                   no 
_entity_poly.nstd_monomer                   no 
_entity_poly.pdbx_seq_one_letter_code       GRKRKIDRDAVLNMWQQGLGASHISKTMNIARSTVYKVINESN 
_entity_poly.pdbx_seq_one_letter_code_can   GRKRKIDRDAVLNMWQQGLGASHISKTMNIARSTVYKVINESN 
_entity_poly.pdbx_strand_id                 A 
_entity_poly.pdbx_target_identifier         ? 
# 
loop_
_entity_poly_seq.entity_id 
_entity_poly_seq.num 
_entity_poly_seq.mon_id 
_entity_poly_seq.hetero 
1 1  GLY n 
1 2  ARG n 
1 3  LYS n 
1 4  ARG n 
1 5  LYS n 
1 6  ILE n 
1 7  ASP n 
1 8  ARG n 
1 9  ASP n 
1 10 ALA n 
1 11 VAL n 
1 12 LEU n 
1 13 ASN n 
1 14 MET n 
1 15 TRP n 
1 16 GLN n 
1 17 GLN n 
1 18 GLY n 
1 19 LEU n 
1 20 GLY n 
1 21 ALA n 
1 22 SER n 
1 23 HIS n 
1 24 ILE n 
1 25 SER n 
1 26 LYS n 
1 27 THR n 
1 28 MET n 
1 29 ASN n 
1 30 ILE n 
1 31 ALA n 
1 32 ARG n 
1 33 SER n 
1 34 THR n 
1 35 VAL n 
1 36 TYR n 
1 37 LYS n 
1 38 VAL n 
1 39 ILE n 
1 40 ASN n 
1 41 GLU n 
1 42 SER n 
1 43 ASN n 
# 
_entity_src_gen.entity_id                          1 
_entity_src_gen.pdbx_src_id                        1 
_entity_src_gen.pdbx_alt_source_flag               sample 
_entity_src_gen.pdbx_seq_type                      ? 
_entity_src_gen.pdbx_beg_seq_num                   ? 
_entity_src_gen.pdbx_end_seq_num                   ? 
_entity_src_gen.gene_src_common_name               ? 
_entity_src_gen.gene_src_genus                     Escherichia 
_entity_src_gen.pdbx_gene_src_gene                 ? 
_entity_src_gen.gene_src_species                   ? 
_entity_src_gen.gene_src_strain                    ? 
_entity_src_gen.gene_src_tissue                    ? 
_entity_src_gen.gene_src_tissue_fraction           ? 
_entity_src_gen.gene_src_details                   ? 
_entity_src_gen.pdbx_gene_src_fragment             ? 
_entity_src_gen.pdbx_gene_src_scientific_name      'Escherichia coli' 
_entity_src_gen.pdbx_gene_src_ncbi_taxonomy_id     562 
_entity_src_gen.pdbx_gene_src_variant              ? 
_entity_src_gen.pdbx_gene_src_cell_line            ? 
_entity_src_gen.pdbx_gene_src_atcc                 ? 
_entity_src_gen.pdbx_gene_src_organ                ? 
_entity_src_gen.pdbx_gene_src_organelle            ? 
_entity_src_gen.pdbx_gene_src_cell                 ? 
_entity_src_gen.pdbx_gene_src_cellular_location    ? 
_entity_src_gen.host_org_common_name               ? 
_entity_src_gen.pdbx_host_org_scientific_name      ? 
_entity_src_gen.pdbx_host_org_ncbi_taxonomy_id     ? 
_entity_src_gen.host_org_genus                     ? 
_entity_src_gen.pdbx_host_org_gene                 ? 
_entity_src_gen.pdbx_host_org_organ                ? 
_entity_src_gen.host_org_species                   ? 
_entity_src_gen.pdbx_host_org_tissue               ? 
_entity_src_gen.pdbx_host_org_tissue_fraction      ? 
_entity_src_gen.pdbx_host_org_strain               ? 
_entity_src_gen.pdbx_host_org_variant              ? 
_entity_src_gen.pdbx_host_org_cell_line            ? 
_entity_src_gen.pdbx_host_org_atcc                 ? 
_entity_src_gen.pdbx_host_org_culture_collection   ? 
_entity_src_gen.pdbx_host_org_cell                 ? 
_entity_src_gen.pdbx_host_org_organelle            ? 
_entity_src_gen.pdbx_host_org_cellular_location    ? 
_entity_src_gen.pdbx_host_org_vector_type          ? 
_entity_src_gen.pdbx_host_org_vector               ? 
_entity_src_gen.host_org_details                   ? 
_entity_src_gen.expression_system_id               ? 
_entity_src_gen.plasmid_name                       ? 
_entity_src_gen.plasmid_details                    ? 
_entity_src_gen.pdbx_description                   ? 
# 
loop_
_chem_comp.id 
_chem_comp.type 
_chem_comp.mon_nstd_flag 
_chem_comp.name 
_chem_comp.pdbx_synonyms 
_chem_comp.formula 
_chem_comp.formula_weight 
ALA 'L-peptide linking' y ALANINE         ? 'C3 H7 N O2'     89.093  
ARG 'L-peptide linking' y ARGININE        ? 'C6 H15 N4 O2 1' 175.209 
ASN 'L-peptide linking' y ASPARAGINE      ? 'C4 H8 N2 O3'    132.118 
ASP 'L-peptide linking' y 'ASPARTIC ACID' ? 'C4 H7 N O4'     133.103 
GLN 'L-peptide linking' y GLUTAMINE       ? 'C5 H10 N2 O3'   146.144 
GLU 'L-peptide linking' y 'GLUTAMIC ACID' ? 'C5 H9 N O4'     147.129 
GLY 'peptide linking'   y GLYCINE         ? 'C2 H5 N O2'     75.067  
HIS 'L-peptide linking' y HISTIDINE       ? 'C6 H10 N3 O2 1' 156.162 
ILE 'L-peptide linking' y ISOLEUCINE      ? 'C6 H13 N O2'    131.173 
LEU 'L-peptide linking' y LEUCINE         ? 'C6 H13 N O2'    131.173 
LYS 'L-peptide linking' y LYSINE          ? 'C6 H15 N2 O2 1' 147.195 
MET 'L-peptide linking' y METHIONINE      ? 'C5 H11 N O2 S'  149.211 
SER 'L-peptide linking' y SERINE          ? 'C3 H7 N O3'     105.093 
THR 'L-peptide linking' y THREONINE       ? 'C4 H9 N O3'     119.119 
TRP 'L-peptide linking' y TRYPTOPHAN      ? 'C11 H12 N2 O2'  204.225 
TYR 'L-peptide linking' y TYROSINE        ? 'C9 H11 N O3'    181.189 
VAL 'L-peptide linking' y VALINE          ? 'C5 H11 N O2'    117.146 
# 
loop_
_pdbx_poly_seq_scheme.asym_id 
_pdbx_poly_seq_scheme.entity_id 
_pdbx_poly_seq_scheme.seq_id 
_pdbx_poly_seq_scheme.mon_id 
_pdbx_poly_seq_scheme.ndb_seq_num 
_pdbx_poly_seq_scheme.pdb_seq_num 
_pdbx_poly_seq_scheme.auth_seq_num 
_pdbx_poly_seq_scheme.pdb_mon_id 
_pdbx_poly_seq_scheme.auth_mon_id 
_pdbx_poly_seq_scheme.pdb_strand_id 
_pdbx_poly_seq_scheme.pdb_ins_code 
_pdbx_poly_seq_scheme.hetero 
A 1 1  GLY 1  1  1  GLY GLY A . n 
A 1 2  ARG 2  2  2  ARG ARG A . n 
A 1 3  LYS 3  3  3  LYS LYS A . n 
A 1 4  ARG 4  4  4  ARG ARG A . n 
A 1 5  LYS 5  5  5  LYS LYS A . n 
A 1 6  ILE 6  6  6  ILE ILE A . n 
A 1 7  ASP 7  7  7  ASP ASP A . n 
A 1 8  ARG 8  8  8  ARG ARG A . n 
A 1 9  ASP 9  9  9  ASP ASP A . n 
A 1 10 ALA 10 10 10 ALA ALA A . n 
A 1 11 VAL 11 11 11 VAL VAL A . n 
A 1 12 LEU 12 12 12 LEU LEU A . n 
A 1 13 ASN 13 13 13 ASN ASN A . n 
A 1 14 MET 14 14 14 MET MET A . n 
A 1 15 TRP 15 15 15 TRP TRP A . n 
A 1 16 GLN 16 16 16 GLN GLN A . n 
A 1 17 GLN 17 17 17 GLN GLN A . n 
A 1 18 GLY 18 18 18 GLY GLY A . n 
A 1 19 LEU 19 19 19 LEU LEU A . n 
A 1 20 GLY 20 20 20 GLY GLY A . n 
A 1 21 ALA 21 21 21 ALA ALA A . n 
A 1 22 SER 22 22 22 SER SER A . n 
A 1 23 HIS 23 23 23 HIS HIS A . n 
A 1 24 ILE 24 24 24 ILE ILE A . n 
A 1 25 SER 25 25 25 SER SER A . n 
A 1 26 LYS 26 26 26 LYS LYS A . n 
A 1 27 THR 27 27 27 THR THR A . n 
A 1 28 MET 28 28 28 MET MET A . n 
A 1 29 ASN 29 29 29 ASN ASN A . n 
A 1 30 ILE 30 30 30 ILE ILE A . n 
A 1 31 ALA 31 31 31 ALA ALA A . n 
A 1 32 ARG 32 32 32 ARG ARG A . n 
A 1 33 SER 33 33 33 SER SER A . n 
A 1 34 THR 34 34 34 THR THR A . n 
A 1 35 VAL 35 35 35 VAL VAL A . n 
A 1 36 TYR 36 36 36 TYR TYR A . n 
A 1 37 LYS 37 37 37 LYS LYS A . n 
A 1 38 VAL 38 38 38 VAL VAL A . n 
A 1 39 ILE 39 39 39 ILE ILE A . n 
A 1 40 ASN 40 40 40 ASN ASN A . n 
A 1 41 GLU 41 41 41 GLU GLU A . n 
A 1 42 SER 42 42 42 SER SER A . n 
A 1 43 ASN 43 43 43 ASN ASN A . n 
# 
loop_
_software.name 
_software.classification 
_software.version 
_software.citation_id 
_software.pdbx_ordinal 
X-PLOR 'model building' . ? 1 
X-PLOR refinement       . ? 2 
X-PLOR phasing          . ? 3 
# 
_cell.entry_id           1RES 
_cell.length_a           1.000 
_cell.length_b           1.000 
_cell.length_c           1.000 
_cell.angle_alpha        90.00 
_cell.angle_beta         90.00 
_cell.angle_gamma        90.00 
_cell.Z_PDB              1 
_cell.pdbx_unique_axis   ? 
# 
_symmetry.entry_id                         1RES 
_symmetry.space_group_name_H-M             'P 1' 
_symmetry.pdbx_full_space_group_name_H-M   ? 
_symmetry.cell_setting                     ? 
_symmetry.Int_Tables_number                1 
# 
_exptl.entry_id          1RES 
_exptl.method            'SOLUTION NMR' 
_exptl.crystals_number   ? 
# 
_struct.entry_id                  1RES 
_struct.title                     'DETERMINATION OF THE STRUCTURE OF THE DNA BINDING DOMAIN OF GAMMA DELTA RESOLVASE IN SOLUTION' 
_struct.pdbx_model_details        ? 
_struct.pdbx_CASP_flag            ? 
_struct.pdbx_model_type_details   ? 
# 
_struct_keywords.entry_id        1RES 
_struct_keywords.pdbx_keywords   'SITE-SPECIFIC RECOMBINASE' 
_struct_keywords.text            'SITE-SPECIFIC RECOMBINASE' 
# 
_struct_asym.id                            A 
_struct_asym.pdbx_blank_PDB_chainid_flag   Y 
_struct_asym.pdbx_modified                 N 
_struct_asym.entity_id                     1 
_struct_asym.details                       ? 
# 
_struct_ref.id                         1 
_struct_ref.db_name                    UNP 
_struct_ref.db_code                    TNR1_ECOLI 
_struct_ref.entity_id                  1 
_struct_ref.pdbx_db_accession          P03012 
_struct_ref.pdbx_align_begin           1 
_struct_ref.pdbx_seq_one_letter_code   
;MRLFGYARVSTSQQSLDIQVRALKDAGVKANRIFTDKASGSSSDRKGLDLLRMKVEEGDVILVKKLDRLGRDTADMIQLI
KEFDAQGVSIRFIDDGISTDGEMGKMVVTILSAVAQAERQRILERTNEGRQEAMAKGVVFGRKRKIDRDAVLNMWQQGLG
ASHISKTMNIARSTVYKVINESN
;
_struct_ref.pdbx_db_isoform            ? 
# 
_struct_ref_seq.align_id                      1 
_struct_ref_seq.ref_id                        1 
_struct_ref_seq.pdbx_PDB_id_code              1RES 
_struct_ref_seq.pdbx_strand_id                A 
_struct_ref_seq.seq_align_beg                 1 
_struct_ref_seq.pdbx_seq_align_beg_ins_code   ? 
_struct_ref_seq.seq_align_end                 43 
_struct_ref_seq.pdbx_seq_align_end_ins_code   ? 
_struct_ref_seq.pdbx_db_accession             P03012 
_struct_ref_seq.db_align_beg                  141 
_struct_ref_seq.pdbx_db_align_beg_ins_code    ? 
_struct_ref_seq.db_align_end                  183 
_struct_ref_seq.pdbx_db_align_end_ins_code    ? 
_struct_ref_seq.pdbx_auth_seq_align_beg       1 
_struct_ref_seq.pdbx_auth_seq_align_end       43 
# 
_pdbx_struct_assembly.id                   1 
_pdbx_struct_assembly.details              author_defined_assembly 
_pdbx_struct_assembly.method_details       ? 
_pdbx_struct_assembly.oligomeric_details   monomeric 
_pdbx_struct_assembly.oligomeric_count     1 
# 
_pdbx_struct_assembly_gen.assembly_id       1 
_pdbx_struct_assembly_gen.oper_expression   1 
_pdbx_struct_assembly_gen.asym_id_list      A 
# 
_pdbx_struct_oper_list.id                   1 
_pdbx_struct_oper_list.type                 'identity operation' 
_pdbx_struct_oper_list.name                 1_555 
_pdbx_struct_oper_list.symmetry_operation   x,y,z 
_pdbx_struct_oper_list.matrix[1][1]         1.0000000000 
_pdbx_struct_oper_list.matrix[1][2]         0.0000000000 
_pdbx_struct_oper_list.matrix[1][3]         0.0000000000 
_pdbx_struct_oper_list.vector[1]            0.0000000000 
_pdbx_struct_oper_list.matrix[2][1]         0.0000000000 
_pdbx_struct_oper_list.matrix[2][2]         1.0000000000 
_pdbx_struct_oper_list.matrix[2][3]         0.0000000000 
_pdbx_struct_oper_list.vector[2]            0.0000000000 
_pdbx_struct_oper_list.matrix[3][1]         0.0000000000 
_pdbx_struct_oper_list.matrix[3][2]         0.0000000000 
_pdbx_struct_oper_list.matrix[3][3]         1.0000000000 
_pdbx_struct_oper_list.vector[3]            0.0000000000 
# 
_struct_biol.id   1 
# 
loop_
_struct_conf.conf_type_id 
_struct_conf.id 
_struct_conf.pdbx_PDB_helix_id 
_struct_conf.beg_label_comp_id 
_struct_conf.beg_label_asym_id 
_struct_conf.beg_label_seq_id 
_struct_conf.pdbx_beg_PDB_ins_code 
_struct_conf.end_label_comp_id 
_struct_conf.end_label_asym_id 
_struct_conf.end_label_seq_id 
_struct_conf.pdbx_end_PDB_ins_code 
_struct_conf.beg_auth_comp_id 
_struct_conf.beg_auth_asym_id 
_struct_conf.beg_auth_seq_id 
_struct_conf.end_auth_comp_id 
_struct_conf.end_auth_asym_id 
_struct_conf.end_auth_seq_id 
_struct_conf.pdbx_PDB_helix_class 
_struct_conf.details 
_struct_conf.pdbx_PDB_helix_length 
HELX_P HELX_P1 H1 ASP A 9  ? GLN A 17 ? ASP A 9  GLN A 17 1 'RESIDUES 149 - 157' 9  
HELX_P HELX_P2 H2 SER A 22 ? THR A 27 ? SER A 22 THR A 27 1 'RESIDUES 162 - 167' 6  
HELX_P HELX_P3 H3 ARG A 32 ? ASN A 43 ? ARG A 32 ASN A 43 1 'RESIDUES 172 - 183' 12 
# 
_struct_conf_type.id          HELX_P 
_struct_conf_type.criteria    ? 
_struct_conf_type.reference   ? 
# 
loop_
_pdbx_validate_torsion.id 
_pdbx_validate_torsion.PDB_model_num 
_pdbx_validate_torsion.auth_comp_id 
_pdbx_validate_torsion.auth_asym_id 
_pdbx_validate_torsion.auth_seq_id 
_pdbx_validate_torsion.PDB_ins_code 
_pdbx_validate_torsion.label_alt_id 
_pdbx_validate_torsion.phi 
_pdbx_validate_torsion.psi 
1 1 ARG A 2  ? ? -102.24 -73.42 
2 1 ARG A 4  ? ? -96.55  -79.48 
3 1 LYS A 5  ? ? -114.92 79.87  
4 1 ARG A 8  ? ? 178.21  -36.07 
5 1 ALA A 21 ? ? 17.90   -73.60 
6 1 ASN A 29 ? ? -49.44  91.77  
# 
_pdbx_nmr_ensemble.entry_id                             1RES 
_pdbx_nmr_ensemble.conformers_calculated_total_number   ? 
_pdbx_nmr_ensemble.conformers_submitted_total_number    1 
_pdbx_nmr_ensemble.conformer_selection_criteria         ? 
# 
_pdbx_nmr_software.classification   refinement 
_pdbx_nmr_software.name             X-PLOR 
_pdbx_nmr_software.version          ? 
_pdbx_nmr_software.authors          BRUNGER 
_pdbx_nmr_software.ordinal          1 
# 
loop_
_chem_comp_atom.comp_id 
_chem_comp_atom.atom_id 
_chem_comp_atom.type_symbol 
_chem_comp_atom.pdbx_aromatic_flag 
_chem_comp_atom.pdbx_stereo_config 
_chem_comp_atom.pdbx_ordinal 
ALA N    N N N 1   
ALA CA   C N S 2   
ALA C    C N N 3   
ALA O    O N N 4   
ALA CB   C N N 5   
ALA OXT  O N N 6   
ALA H    H N N 7   
ALA H2   H N N 8   
ALA HA   H N N 9   
ALA HB1  H N N 10  
ALA HB2  H N N 11  
ALA HB3  H N N 12  
ALA HXT  H N N 13  
ARG N    N N N 14  
ARG CA   C N S 15  
ARG C    C N N 16  
ARG O    O N N 17  
ARG CB   C N N 18  
ARG CG   C N N 19  
ARG CD   C N N 20  
ARG NE   N N N 21  
ARG CZ   C N N 22  
ARG NH1  N N N 23  
ARG NH2  N N N 24  
ARG OXT  O N N 25  
ARG H    H N N 26  
ARG H2   H N N 27  
ARG HA   H N N 28  
ARG HB2  H N N 29  
ARG HB3  H N N 30  
ARG HG2  H N N 31  
ARG HG3  H N N 32  
ARG HD2  H N N 33  
ARG HD3  H N N 34  
ARG HE   H N N 35  
ARG HH11 H N N 36  
ARG HH12 H N N 37  
ARG HH21 H N N 38  
ARG HH22 H N N 39  
ARG HXT  H N N 40  
ASN N    N N N 41  
ASN CA   C N S 42  
ASN C    C N N 43  
ASN O    O N N 44  
ASN CB   C N N 45  
ASN CG   C N N 46  
ASN OD1  O N N 47  
ASN ND2  N N N 48  
ASN OXT  O N N 49  
ASN H    H N N 50  
ASN H2   H N N 51  
ASN HA   H N N 52  
ASN HB2  H N N 53  
ASN HB3  H N N 54  
ASN HD21 H N N 55  
ASN HD22 H N N 56  
ASN HXT  H N N 57  
ASP N    N N N 58  
ASP CA   C N S 59  
ASP C    C N N 60  
ASP O    O N N 61  
ASP CB   C N N 62  
ASP CG   C N N 63  
ASP OD1  O N N 64  
ASP OD2  O N N 65  
ASP OXT  O N N 66  
ASP H    H N N 67  
ASP H2   H N N 68  
ASP HA   H N N 69  
ASP HB2  H N N 70  
ASP HB3  H N N 71  
ASP HD2  H N N 72  
ASP HXT  H N N 73  
GLN N    N N N 74  
GLN CA   C N S 75  
GLN C    C N N 76  
GLN O    O N N 77  
GLN CB   C N N 78  
GLN CG   C N N 79  
GLN CD   C N N 80  
GLN OE1  O N N 81  
GLN NE2  N N N 82  
GLN OXT  O N N 83  
GLN H    H N N 84  
GLN H2   H N N 85  
GLN HA   H N N 86  
GLN HB2  H N N 87  
GLN HB3  H N N 88  
GLN HG2  H N N 89  
GLN HG3  H N N 90  
GLN HE21 H N N 91  
GLN HE22 H N N 92  
GLN HXT  H N N 93  
GLU N    N N N 94  
GLU CA   C N S 95  
GLU C    C N N 96  
GLU O    O N N 97  
GLU CB   C N N 98  
GLU CG   C N N 99  
GLU CD   C N N 100 
GLU OE1  O N N 101 
GLU OE2  O N N 102 
GLU OXT  O N N 103 
GLU H    H N N 104 
GLU H2   H N N 105 
GLU HA   H N N 106 
GLU HB2  H N N 107 
GLU HB3  H N N 108 
GLU HG2  H N N 109 
GLU HG3  H N N 110 
GLU HE2  H N N 111 
GLU HXT  H N N 112 
GLY N    N N N 113 
GLY CA   C N N 114 
GLY C    C N N 115 
GLY O    O N N 116 
GLY OXT  O N N 117 
GLY H    H N N 118 
GLY H2   H N N 119 
GLY HA2  H N N 120 
GLY HA3  H N N 121 
GLY HXT  H N N 122 
HIS N    N N N 123 
HIS CA   C N S 124 
HIS C    C N N 125 
HIS O    O N N 126 
HIS CB   C N N 127 
HIS CG   C Y N 128 
HIS ND1  N Y N 129 
HIS CD2  C Y N 130 
HIS CE1  C Y N 131 
HIS NE2  N Y N 132 
HIS OXT  O N N 133 
HIS H    H N N 134 
HIS H2   H N N 135 
HIS HA   H N N 136 
HIS HB2  H N N 137 
HIS HB3  H N N 138 
HIS HD1  H N N 139 
HIS HD2  H N N 140 
HIS HE1  H N N 141 
HIS HE2  H N N 142 
HIS HXT  H N N 143 
ILE N    N N N 144 
ILE CA   C N S 145 
ILE C    C N N 146 
ILE O    O N N 147 
ILE CB   C N S 148 
ILE CG1  C N N 149 
ILE CG2  C N N 150 
ILE CD1  C N N 151 
ILE OXT  O N N 152 
ILE H    H N N 153 
ILE H2   H N N 154 
ILE HA   H N N 155 
ILE HB   H N N 156 
ILE HG12 H N N 157 
ILE HG13 H N N 158 
ILE HG21 H N N 159 
ILE HG22 H N N 160 
ILE HG23 H N N 161 
ILE HD11 H N N 162 
ILE HD12 H N N 163 
ILE HD13 H N N 164 
ILE HXT  H N N 165 
LEU N    N N N 166 
LEU CA   C N S 167 
LEU C    C N N 168 
LEU O    O N N 169 
LEU CB   C N N 170 
LEU CG   C N N 171 
LEU CD1  C N N 172 
LEU CD2  C N N 173 
LEU OXT  O N N 174 
LEU H    H N N 175 
LEU H2   H N N 176 
LEU HA   H N N 177 
LEU HB2  H N N 178 
LEU HB3  H N N 179 
LEU HG   H N N 180 
LEU HD11 H N N 181 
LEU HD12 H N N 182 
LEU HD13 H N N 183 
LEU HD21 H N N 184 
LEU HD22 H N N 185 
LEU HD23 H N N 186 
LEU HXT  H N N 187 
LYS N    N N N 188 
LYS CA   C N S 189 
LYS C    C N N 190 
LYS O    O N N 191 
LYS CB   C N N 192 
LYS CG   C N N 193 
LYS CD   C N N 194 
LYS CE   C N N 195 
LYS NZ   N N N 196 
LYS OXT  O N N 197 
LYS H    H N N 198 
LYS H2   H N N 199 
LYS HA   H N N 200 
LYS HB2  H N N 201 
LYS HB3  H N N 202 
LYS HG2  H N N 203 
LYS HG3  H N N 204 
LYS HD2  H N N 205 
LYS HD3  H N N 206 
LYS HE2  H N N 207 
LYS HE3  H N N 208 
LYS HZ1  H N N 209 
LYS HZ2  H N N 210 
LYS HZ3  H N N 211 
LYS HXT  H N N 212 
MET N    N N N 213 
MET CA   C N S 214 
MET C    C N N 215 
MET O    O N N 216 
MET CB   C N N 217 
MET CG   C N N 218 
MET SD   S N N 219 
MET CE   C N N 220 
MET OXT  O N N 221 
MET H    H N N 222 
MET H2   H N N 223 
MET HA   H N N 224 
MET HB2  H N N 225 
MET HB3  H N N 226 
MET HG2  H N N 227 
MET HG3  H N N 228 
MET HE1  H N N 229 
MET HE2  H N N 230 
MET HE3  H N N 231 
MET HXT  H N N 232 
SER N    N N N 233 
SER CA   C N S 234 
SER C    C N N 235 
SER O    O N N 236 
SER CB   C N N 237 
SER OG   O N N 238 
SER OXT  O N N 239 
SER H    H N N 240 
SER H2   H N N 241 
SER HA   H N N 242 
SER HB2  H N N 243 
SER HB3  H N N 244 
SER HG   H N N 245 
SER HXT  H N N 246 
THR N    N N N 247 
THR CA   C N S 248 
THR C    C N N 249 
THR O    O N N 250 
THR CB   C N R 251 
THR OG1  O N N 252 
THR CG2  C N N 253 
THR OXT  O N N 254 
THR H    H N N 255 
THR H2   H N N 256 
THR HA   H N N 257 
THR HB   H N N 258 
THR HG1  H N N 259 
THR HG21 H N N 260 
THR HG22 H N N 261 
THR HG23 H N N 262 
THR HXT  H N N 263 
TRP N    N N N 264 
TRP CA   C N S 265 
TRP C    C N N 266 
TRP O    O N N 267 
TRP CB   C N N 268 
TRP CG   C Y N 269 
TRP CD1  C Y N 270 
TRP CD2  C Y N 271 
TRP NE1  N Y N 272 
TRP CE2  C Y N 273 
TRP CE3  C Y N 274 
TRP CZ2  C Y N 275 
TRP CZ3  C Y N 276 
TRP CH2  C Y N 277 
TRP OXT  O N N 278 
TRP H    H N N 279 
TRP H2   H N N 280 
TRP HA   H N N 281 
TRP HB2  H N N 282 
TRP HB3  H N N 283 
TRP HD1  H N N 284 
TRP HE1  H N N 285 
TRP HE3  H N N 286 
TRP HZ2  H N N 287 
TRP HZ3  H N N 288 
TRP HH2  H N N 289 
TRP HXT  H N N 290 
TYR N    N N N 291 
TYR CA   C N S 292 
TYR C    C N N 293 
TYR O    O N N 294 
TYR CB   C N N 295 
TYR CG   C Y N 296 
TYR CD1  C Y N 297 
TYR CD2  C Y N 298 
TYR CE1  C Y N 299 
TYR CE2  C Y N 300 
TYR CZ   C Y N 301 
TYR OH   O N N 302 
TYR OXT  O N N 303 
TYR H    H N N 304 
TYR H2   H N N 305 
TYR HA   H N N 306 
TYR HB2  H N N 307 
TYR HB3  H N N 308 
TYR HD1  H N N 309 
TYR HD2  H N N 310 
TYR HE1  H N N 311 
TYR HE2  H N N 312 
TYR HH   H N N 313 
TYR HXT  H N N 314 
VAL N    N N N 315 
VAL CA   C N S 316 
VAL C    C N N 317 
VAL O    O N N 318 
VAL CB   C N N 319 
VAL CG1  C N N 320 
VAL CG2  C N N 321 
VAL OXT  O N N 322 
VAL H    H N N 323 
VAL H2   H N N 324 
VAL HA   H N N 325 
VAL HB   H N N 326 
VAL HG11 H N N 327 
VAL HG12 H N N 328 
VAL HG13 H N N 329 
VAL HG21 H N N 330 
VAL HG22 H N N 331 
VAL HG23 H N N 332 
VAL HXT  H N N 333 
# 
loop_
_chem_comp_bond.comp_id 
_chem_comp_bond.atom_id_1 
_chem_comp_bond.atom_id_2 
_chem_comp_bond.value_order 
_chem_comp_bond.pdbx_aromatic_flag 
_chem_comp_bond.pdbx_stereo_config 
_chem_comp_bond.pdbx_ordinal 
ALA N   CA   sing N N 1   
ALA N   H    sing N N 2   
ALA N   H2   sing N N 3   
ALA CA  C    sing N N 4   
ALA CA  CB   sing N N 5   
ALA CA  HA   sing N N 6   
ALA C   O    doub N N 7   
ALA C   OXT  sing N N 8   
ALA CB  HB1  sing N N 9   
ALA CB  HB2  sing N N 10  
ALA CB  HB3  sing N N 11  
ALA OXT HXT  sing N N 12  
ARG N   CA   sing N N 13  
ARG N   H    sing N N 14  
ARG N   H2   sing N N 15  
ARG CA  C    sing N N 16  
ARG CA  CB   sing N N 17  
ARG CA  HA   sing N N 18  
ARG C   O    doub N N 19  
ARG C   OXT  sing N N 20  
ARG CB  CG   sing N N 21  
ARG CB  HB2  sing N N 22  
ARG CB  HB3  sing N N 23  
ARG CG  CD   sing N N 24  
ARG CG  HG2  sing N N 25  
ARG CG  HG3  sing N N 26  
ARG CD  NE   sing N N 27  
ARG CD  HD2  sing N N 28  
ARG CD  HD3  sing N N 29  
ARG NE  CZ   sing N N 30  
ARG NE  HE   sing N N 31  
ARG CZ  NH1  sing N N 32  
ARG CZ  NH2  doub N N 33  
ARG NH1 HH11 sing N N 34  
ARG NH1 HH12 sing N N 35  
ARG NH2 HH21 sing N N 36  
ARG NH2 HH22 sing N N 37  
ARG OXT HXT  sing N N 38  
ASN N   CA   sing N N 39  
ASN N   H    sing N N 40  
ASN N   H2   sing N N 41  
ASN CA  C    sing N N 42  
ASN CA  CB   sing N N 43  
ASN CA  HA   sing N N 44  
ASN C   O    doub N N 45  
ASN C   OXT  sing N N 46  
ASN CB  CG   sing N N 47  
ASN CB  HB2  sing N N 48  
ASN CB  HB3  sing N N 49  
ASN CG  OD1  doub N N 50  
ASN CG  ND2  sing N N 51  
ASN ND2 HD21 sing N N 52  
ASN ND2 HD22 sing N N 53  
ASN OXT HXT  sing N N 54  
ASP N   CA   sing N N 55  
ASP N   H    sing N N 56  
ASP N   H2   sing N N 57  
ASP CA  C    sing N N 58  
ASP CA  CB   sing N N 59  
ASP CA  HA   sing N N 60  
ASP C   O    doub N N 61  
ASP C   OXT  sing N N 62  
ASP CB  CG   sing N N 63  
ASP CB  HB2  sing N N 64  
ASP CB  HB3  sing N N 65  
ASP CG  OD1  doub N N 66  
ASP CG  OD2  sing N N 67  
ASP OD2 HD2  sing N N 68  
ASP OXT HXT  sing N N 69  
GLN N   CA   sing N N 70  
GLN N   H    sing N N 71  
GLN N   H2   sing N N 72  
GLN CA  C    sing N N 73  
GLN CA  CB   sing N N 74  
GLN CA  HA   sing N N 75  
GLN C   O    doub N N 76  
GLN C   OXT  sing N N 77  
GLN CB  CG   sing N N 78  
GLN CB  HB2  sing N N 79  
GLN CB  HB3  sing N N 80  
GLN CG  CD   sing N N 81  
GLN CG  HG2  sing N N 82  
GLN CG  HG3  sing N N 83  
GLN CD  OE1  doub N N 84  
GLN CD  NE2  sing N N 85  
GLN NE2 HE21 sing N N 86  
GLN NE2 HE22 sing N N 87  
GLN OXT HXT  sing N N 88  
GLU N   CA   sing N N 89  
GLU N   H    sing N N 90  
GLU N   H2   sing N N 91  
GLU CA  C    sing N N 92  
GLU CA  CB   sing N N 93  
GLU CA  HA   sing N N 94  
GLU C   O    doub N N 95  
GLU C   OXT  sing N N 96  
GLU CB  CG   sing N N 97  
GLU CB  HB2  sing N N 98  
GLU CB  HB3  sing N N 99  
GLU CG  CD   sing N N 100 
GLU CG  HG2  sing N N 101 
GLU CG  HG3  sing N N 102 
GLU CD  OE1  doub N N 103 
GLU CD  OE2  sing N N 104 
GLU OE2 HE2  sing N N 105 
GLU OXT HXT  sing N N 106 
GLY N   CA   sing N N 107 
GLY N   H    sing N N 108 
GLY N   H2   sing N N 109 
GLY CA  C    sing N N 110 
GLY CA  HA2  sing N N 111 
GLY CA  HA3  sing N N 112 
GLY C   O    doub N N 113 
GLY C   OXT  sing N N 114 
GLY OXT HXT  sing N N 115 
HIS N   CA   sing N N 116 
HIS N   H    sing N N 117 
HIS N   H2   sing N N 118 
HIS CA  C    sing N N 119 
HIS CA  CB   sing N N 120 
HIS CA  HA   sing N N 121 
HIS C   O    doub N N 122 
HIS C   OXT  sing N N 123 
HIS CB  CG   sing N N 124 
HIS CB  HB2  sing N N 125 
HIS CB  HB3  sing N N 126 
HIS CG  ND1  sing Y N 127 
HIS CG  CD2  doub Y N 128 
HIS ND1 CE1  doub Y N 129 
HIS ND1 HD1  sing N N 130 
HIS CD2 NE2  sing Y N 131 
HIS CD2 HD2  sing N N 132 
HIS CE1 NE2  sing Y N 133 
HIS CE1 HE1  sing N N 134 
HIS NE2 HE2  sing N N 135 
HIS OXT HXT  sing N N 136 
ILE N   CA   sing N N 137 
ILE N   H    sing N N 138 
ILE N   H2   sing N N 139 
ILE CA  C    sing N N 140 
ILE CA  CB   sing N N 141 
ILE CA  HA   sing N N 142 
ILE C   O    doub N N 143 
ILE C   OXT  sing N N 144 
ILE CB  CG1  sing N N 145 
ILE CB  CG2  sing N N 146 
ILE CB  HB   sing N N 147 
ILE CG1 CD1  sing N N 148 
ILE CG1 HG12 sing N N 149 
ILE CG1 HG13 sing N N 150 
ILE CG2 HG21 sing N N 151 
ILE CG2 HG22 sing N N 152 
ILE CG2 HG23 sing N N 153 
ILE CD1 HD11 sing N N 154 
ILE CD1 HD12 sing N N 155 
ILE CD1 HD13 sing N N 156 
ILE OXT HXT  sing N N 157 
LEU N   CA   sing N N 158 
LEU N   H    sing N N 159 
LEU N   H2   sing N N 160 
LEU CA  C    sing N N 161 
LEU CA  CB   sing N N 162 
LEU CA  HA   sing N N 163 
LEU C   O    doub N N 164 
LEU C   OXT  sing N N 165 
LEU CB  CG   sing N N 166 
LEU CB  HB2  sing N N 167 
LEU CB  HB3  sing N N 168 
LEU CG  CD1  sing N N 169 
LEU CG  CD2  sing N N 170 
LEU CG  HG   sing N N 171 
LEU CD1 HD11 sing N N 172 
LEU CD1 HD12 sing N N 173 
LEU CD1 HD13 sing N N 174 
LEU CD2 HD21 sing N N 175 
LEU CD2 HD22 sing N N 176 
LEU CD2 HD23 sing N N 177 
LEU OXT HXT  sing N N 178 
LYS N   CA   sing N N 179 
LYS N   H    sing N N 180 
LYS N   H2   sing N N 181 
LYS CA  C    sing N N 182 
LYS CA  CB   sing N N 183 
LYS CA  HA   sing N N 184 
LYS C   O    doub N N 185 
LYS C   OXT  sing N N 186 
LYS CB  CG   sing N N 187 
LYS CB  HB2  sing N N 188 
LYS CB  HB3  sing N N 189 
LYS CG  CD   sing N N 190 
LYS CG  HG2  sing N N 191 
LYS CG  HG3  sing N N 192 
LYS CD  CE   sing N N 193 
LYS CD  HD2  sing N N 194 
LYS CD  HD3  sing N N 195 
LYS CE  NZ   sing N N 196 
LYS CE  HE2  sing N N 197 
LYS CE  HE3  sing N N 198 
LYS NZ  HZ1  sing N N 199 
LYS NZ  HZ2  sing N N 200 
LYS NZ  HZ3  sing N N 201 
LYS OXT HXT  sing N N 202 
MET N   CA   sing N N 203 
MET N   H    sing N N 204 
MET N   H2   sing N N 205 
MET CA  C    sing N N 206 
MET CA  CB   sing N N 207 
MET CA  HA   sing N N 208 
MET C   O    doub N N 209 
MET C   OXT  sing N N 210 
MET CB  CG   sing N N 211 
MET CB  HB2  sing N N 212 
MET CB  HB3  sing N N 213 
MET CG  SD   sing N N 214 
MET CG  HG2  sing N N 215 
MET CG  HG3  sing N N 216 
MET SD  CE   sing N N 217 
MET CE  HE1  sing N N 218 
MET CE  HE2  sing N N 219 
MET CE  HE3  sing N N 220 
MET OXT HXT  sing N N 221 
SER N   CA   sing N N 222 
SER N   H    sing N N 223 
SER N   H2   sing N N 224 
SER CA  C    sing N N 225 
SER CA  CB   sing N N 226 
SER CA  HA   sing N N 227 
SER C   O    doub N N 228 
SER C   OXT  sing N N 229 
SER CB  OG   sing N N 230 
SER CB  HB2  sing N N 231 
SER CB  HB3  sing N N 232 
SER OG  HG   sing N N 233 
SER OXT HXT  sing N N 234 
THR N   CA   sing N N 235 
THR N   H    sing N N 236 
THR N   H2   sing N N 237 
THR CA  C    sing N N 238 
THR CA  CB   sing N N 239 
THR CA  HA   sing N N 240 
THR C   O    doub N N 241 
THR C   OXT  sing N N 242 
THR CB  OG1  sing N N 243 
THR CB  CG2  sing N N 244 
THR CB  HB   sing N N 245 
THR OG1 HG1  sing N N 246 
THR CG2 HG21 sing N N 247 
THR CG2 HG22 sing N N 248 
THR CG2 HG23 sing N N 249 
THR OXT HXT  sing N N 250 
TRP N   CA   sing N N 251 
TRP N   H    sing N N 252 
TRP N   H2   sing N N 253 
TRP CA  C    sing N N 254 
TRP CA  CB   sing N N 255 
TRP CA  HA   sing N N 256 
TRP C   O    doub N N 257 
TRP C   OXT  sing N N 258 
TRP CB  CG   sing N N 259 
TRP CB  HB2  sing N N 260 
TRP CB  HB3  sing N N 261 
TRP CG  CD1  doub Y N 262 
TRP CG  CD2  sing Y N 263 
TRP CD1 NE1  sing Y N 264 
TRP CD1 HD1  sing N N 265 
TRP CD2 CE2  doub Y N 266 
TRP CD2 CE3  sing Y N 267 
TRP NE1 CE2  sing Y N 268 
TRP NE1 HE1  sing N N 269 
TRP CE2 CZ2  sing Y N 270 
TRP CE3 CZ3  doub Y N 271 
TRP CE3 HE3  sing N N 272 
TRP CZ2 CH2  doub Y N 273 
TRP CZ2 HZ2  sing N N 274 
TRP CZ3 CH2  sing Y N 275 
TRP CZ3 HZ3  sing N N 276 
TRP CH2 HH2  sing N N 277 
TRP OXT HXT  sing N N 278 
TYR N   CA   sing N N 279 
TYR N   H    sing N N 280 
TYR N   H2   sing N N 281 
TYR CA  C    sing N N 282 
TYR CA  CB   sing N N 283 
TYR CA  HA   sing N N 284 
TYR C   O    doub N N 285 
TYR C   OXT  sing N N 286 
TYR CB  CG   sing N N 287 
TYR CB  HB2  sing N N 288 
TYR CB  HB3  sing N N 289 
TYR CG  CD1  doub Y N 290 
TYR CG  CD2  sing Y N 291 
TYR CD1 CE1  sing Y N 292 
TYR CD1 HD1  sing N N 293 
TYR CD2 CE2  doub Y N 294 
TYR CD2 HD2  sing N N 295 
TYR CE1 CZ   doub Y N 296 
TYR CE1 HE1  sing N N 297 
TYR CE2 CZ   sing Y N 298 
TYR CE2 HE2  sing N N 299 
TYR CZ  OH   sing N N 300 
TYR OH  HH   sing N N 301 
TYR OXT HXT  sing N N 302 
VAL N   CA   sing N N 303 
VAL N   H    sing N N 304 
VAL N   H2   sing N N 305 
VAL CA  C    sing N N 306 
VAL CA  CB   sing N N 307 
VAL CA  HA   sing N N 308 
VAL C   O    doub N N 309 
VAL C   OXT  sing N N 310 
VAL CB  CG1  sing N N 311 
VAL CB  CG2  sing N N 312 
VAL CB  HB   sing N N 313 
VAL CG1 HG11 sing N N 314 
VAL CG1 HG12 sing N N 315 
VAL CG1 HG13 sing N N 316 
VAL CG2 HG21 sing N N 317 
VAL CG2 HG22 sing N N 318 
VAL CG2 HG23 sing N N 319 
VAL OXT HXT  sing N N 320 
# 
_atom_sites.entry_id                    1RES 
_atom_sites.fract_transf_matrix[1][1]   1.000000 
_atom_sites.fract_transf_matrix[1][2]   0.000000 
_atom_sites.fract_transf_matrix[1][3]   0.000000 
_atom_sites.fract_transf_matrix[2][1]   0.000000 
_atom_sites.fract_transf_matrix[2][2]   1.000000 
_atom_sites.fract_transf_matrix[2][3]   0.000000 
_atom_sites.fract_transf_matrix[3][1]   0.000000 
_atom_sites.fract_transf_matrix[3][2]   0.000000 
_atom_sites.fract_transf_matrix[3][3]   1.000000 
_atom_sites.fract_transf_vector[1]      0.00000 
_atom_sites.fract_transf_vector[2]      0.00000 
_atom_sites.fract_transf_vector[3]      0.00000 
# 
loop_
_atom_type.symbol 
C 
H 
N 
O 
S 
# 
loop_
_atom_site.group_PDB 
_atom_site.id 
_atom_site.type_symbol 
_atom_site.label_atom_id 
_atom_site.label_alt_id 
_atom_site.label_comp_id 
_atom_site.label_asym_id 
_atom_site.label_entity_id 
_atom_site.label_seq_id 
_atom_site.pdbx_PDB_ins_code 
_atom_site.Cartn_x 
_atom_site.Cartn_y 
_atom_site.Cartn_z 
_atom_site.occupancy 
_atom_site.B_iso_or_equiv 
_atom_site.pdbx_formal_charge 
_atom_site.auth_seq_id 
_atom_site.auth_comp_id 
_atom_site.auth_asym_id 
_atom_site.auth_atom_id 
_atom_site.pdbx_PDB_model_num 
ATOM 1   N N    . GLY A 1 1  ? -3.754  -13.971 -13.864 1.00 0.00 ? 1  GLY A N    1 
ATOM 2   C CA   . GLY A 1 1  ? -3.091  -12.989 -14.768 1.00 0.00 ? 1  GLY A CA   1 
ATOM 3   C C    . GLY A 1 1  ? -1.957  -12.290 -14.017 1.00 0.00 ? 1  GLY A C    1 
ATOM 4   O O    . GLY A 1 1  ? -1.760  -12.502 -12.835 1.00 0.00 ? 1  GLY A O    1 
ATOM 5   H H1   . GLY A 1 1  ? -3.042  -14.411 -13.248 1.00 0.00 ? 1  GLY A H1   1 
ATOM 6   H H2   . GLY A 1 1  ? -4.463  -13.479 -13.281 1.00 0.00 ? 1  GLY A H2   1 
ATOM 7   H H3   . GLY A 1 1  ? -4.221  -14.706 -14.432 1.00 0.00 ? 1  GLY A H3   1 
ATOM 8   H HA2  . GLY A 1 1  ? -2.688  -13.506 -15.626 1.00 0.00 ? 1  GLY A HA2  1 
ATOM 9   H HA3  . GLY A 1 1  ? -3.814  -12.256 -15.095 1.00 0.00 ? 1  GLY A HA3  1 
ATOM 10  N N    . ARG A 1 2  ? -1.210  -11.456 -14.697 1.00 0.00 ? 2  ARG A N    1 
ATOM 11  C CA   . ARG A 1 2  ? -0.084  -10.737 -14.032 1.00 0.00 ? 2  ARG A CA   1 
ATOM 12  C C    . ARG A 1 2  ? -0.504  -9.297  -13.731 1.00 0.00 ? 2  ARG A C    1 
ATOM 13  O O    . ARG A 1 2  ? -0.751  -8.940  -12.595 1.00 0.00 ? 2  ARG A O    1 
ATOM 14  C CB   . ARG A 1 2  ? 1.135   -10.732 -14.957 1.00 0.00 ? 2  ARG A CB   1 
ATOM 15  C CG   . ARG A 1 2  ? 2.054   -11.903 -14.600 1.00 0.00 ? 2  ARG A CG   1 
ATOM 16  C CD   . ARG A 1 2  ? 3.512   -11.495 -14.821 1.00 0.00 ? 2  ARG A CD   1 
ATOM 17  N NE   . ARG A 1 2  ? 4.301   -12.686 -15.266 1.00 0.00 ? 2  ARG A NE   1 
ATOM 18  C CZ   . ARG A 1 2  ? 5.502   -12.557 -15.793 1.00 0.00 ? 2  ARG A CZ   1 
ATOM 19  N NH1  . ARG A 1 2  ? 6.060   -11.378 -15.953 1.00 0.00 ? 2  ARG A NH1  1 
ATOM 20  N NH2  . ARG A 1 2  ? 6.153   -13.626 -16.166 1.00 0.00 ? 2  ARG A NH2  1 
ATOM 21  H H    . ARG A 1 2  ? -1.391  -11.304 -15.648 1.00 0.00 ? 2  ARG A H    1 
ATOM 22  H HA   . ARG A 1 2  ? 0.166   -11.239 -13.108 1.00 0.00 ? 2  ARG A HA   1 
ATOM 23  H HB2  . ARG A 1 2  ? 0.809   -10.828 -15.982 1.00 0.00 ? 2  ARG A HB2  1 
ATOM 24  H HB3  . ARG A 1 2  ? 1.675   -9.805  -14.837 1.00 0.00 ? 2  ARG A HB3  1 
ATOM 25  H HG2  . ARG A 1 2  ? 1.908   -12.172 -13.564 1.00 0.00 ? 2  ARG A HG2  1 
ATOM 26  H HG3  . ARG A 1 2  ? 1.820   -12.748 -15.229 1.00 0.00 ? 2  ARG A HG3  1 
ATOM 27  H HD2  . ARG A 1 2  ? 3.561   -10.727 -15.579 1.00 0.00 ? 2  ARG A HD2  1 
ATOM 28  H HD3  . ARG A 1 2  ? 3.923   -11.115 -13.897 1.00 0.00 ? 2  ARG A HD3  1 
ATOM 29  H HE   . ARG A 1 2  ? 3.916   -13.582 -15.163 1.00 0.00 ? 2  ARG A HE   1 
ATOM 30  H HH11 . ARG A 1 2  ? 5.580   -10.548 -15.675 1.00 0.00 ? 2  ARG A HH11 1 
ATOM 31  H HH12 . ARG A 1 2  ? 6.974   -11.312 -16.356 1.00 0.00 ? 2  ARG A HH12 1 
ATOM 32  H HH21 . ARG A 1 2  ? 5.739   -14.528 -16.050 1.00 0.00 ? 2  ARG A HH21 1 
ATOM 33  H HH22 . ARG A 1 2  ? 7.064   -13.541 -16.568 1.00 0.00 ? 2  ARG A HH22 1 
ATOM 34  N N    . LYS A 1 3  ? -0.583  -8.469  -14.742 1.00 0.00 ? 3  LYS A N    1 
ATOM 35  C CA   . LYS A 1 3  ? -0.982  -7.049  -14.526 1.00 0.00 ? 3  LYS A CA   1 
ATOM 36  C C    . LYS A 1 3  ? -2.350  -6.797  -15.171 1.00 0.00 ? 3  LYS A C    1 
ATOM 37  O O    . LYS A 1 3  ? -2.571  -5.780  -15.800 1.00 0.00 ? 3  LYS A O    1 
ATOM 38  C CB   . LYS A 1 3  ? 0.064   -6.129  -15.161 1.00 0.00 ? 3  LYS A CB   1 
ATOM 39  C CG   . LYS A 1 3  ? 0.272   -4.896  -14.277 1.00 0.00 ? 3  LYS A CG   1 
ATOM 40  C CD   . LYS A 1 3  ? 1.473   -5.123  -13.357 1.00 0.00 ? 3  LYS A CD   1 
ATOM 41  C CE   . LYS A 1 3  ? 2.767   -4.924  -14.147 1.00 0.00 ? 3  LYS A CE   1 
ATOM 42  N NZ   . LYS A 1 3  ? 2.795   -3.548  -14.717 1.00 0.00 ? 3  LYS A NZ   1 
ATOM 43  H H    . LYS A 1 3  ? -0.375  -8.784  -15.647 1.00 0.00 ? 3  LYS A H    1 
ATOM 44  H HA   . LYS A 1 3  ? -1.043  -6.850  -13.466 1.00 0.00 ? 3  LYS A HA   1 
ATOM 45  H HB2  . LYS A 1 3  ? 0.998   -6.664  -15.259 1.00 0.00 ? 3  LYS A HB2  1 
ATOM 46  H HB3  . LYS A 1 3  ? -0.275  -5.816  -16.137 1.00 0.00 ? 3  LYS A HB3  1 
ATOM 47  H HG2  . LYS A 1 3  ? 0.453   -4.033  -14.901 1.00 0.00 ? 3  LYS A HG2  1 
ATOM 48  H HG3  . LYS A 1 3  ? -0.611  -4.730  -13.678 1.00 0.00 ? 3  LYS A HG3  1 
ATOM 49  H HD2  . LYS A 1 3  ? 1.437   -4.419  -12.538 1.00 0.00 ? 3  LYS A HD2  1 
ATOM 50  H HD3  . LYS A 1 3  ? 1.443   -6.130  -12.967 1.00 0.00 ? 3  LYS A HD3  1 
ATOM 51  H HE2  . LYS A 1 3  ? 3.614   -5.060  -13.491 1.00 0.00 ? 3  LYS A HE2  1 
ATOM 52  H HE3  . LYS A 1 3  ? 2.813   -5.647  -14.948 1.00 0.00 ? 3  LYS A HE3  1 
ATOM 53  H HZ1  . LYS A 1 3  ? 2.367   -2.884  -14.042 1.00 0.00 ? 3  LYS A HZ1  1 
ATOM 54  H HZ2  . LYS A 1 3  ? 3.780   -3.267  -14.898 1.00 0.00 ? 3  LYS A HZ2  1 
ATOM 55  H HZ3  . LYS A 1 3  ? 2.259   -3.531  -15.608 1.00 0.00 ? 3  LYS A HZ3  1 
ATOM 56  N N    . ARG A 1 4  ? -3.266  -7.719  -15.017 1.00 0.00 ? 4  ARG A N    1 
ATOM 57  C CA   . ARG A 1 4  ? -4.620  -7.543  -15.619 1.00 0.00 ? 4  ARG A CA   1 
ATOM 58  C C    . ARG A 1 4  ? -5.582  -6.981  -14.565 1.00 0.00 ? 4  ARG A C    1 
ATOM 59  O O    . ARG A 1 4  ? -5.869  -5.799  -14.547 1.00 0.00 ? 4  ARG A O    1 
ATOM 60  C CB   . ARG A 1 4  ? -5.134  -8.895  -16.124 1.00 0.00 ? 4  ARG A CB   1 
ATOM 61  C CG   . ARG A 1 4  ? -4.612  -9.146  -17.539 1.00 0.00 ? 4  ARG A CG   1 
ATOM 62  C CD   . ARG A 1 4  ? -4.399  -10.646 -17.746 1.00 0.00 ? 4  ARG A CD   1 
ATOM 63  N NE   . ARG A 1 4  ? -5.663  -11.378 -17.425 1.00 0.00 ? 4  ARG A NE   1 
ATOM 64  C CZ   . ARG A 1 4  ? -5.842  -12.635 -17.783 1.00 0.00 ? 4  ARG A CZ   1 
ATOM 65  N NH1  . ARG A 1 4  ? -4.917  -13.302 -18.435 1.00 0.00 ? 4  ARG A NH1  1 
ATOM 66  N NH2  . ARG A 1 4  ? -6.963  -13.230 -17.482 1.00 0.00 ? 4  ARG A NH2  1 
ATOM 67  H H    . ARG A 1 4  ? -3.062  -8.530  -14.505 1.00 0.00 ? 4  ARG A H    1 
ATOM 68  H HA   . ARG A 1 4  ? -4.556  -6.853  -16.447 1.00 0.00 ? 4  ARG A HA   1 
ATOM 69  H HB2  . ARG A 1 4  ? -4.787  -9.680  -15.467 1.00 0.00 ? 4  ARG A HB2  1 
ATOM 70  H HB3  . ARG A 1 4  ? -6.213  -8.888  -16.137 1.00 0.00 ? 4  ARG A HB3  1 
ATOM 71  H HG2  . ARG A 1 4  ? -5.330  -8.779  -18.259 1.00 0.00 ? 4  ARG A HG2  1 
ATOM 72  H HG3  . ARG A 1 4  ? -3.673  -8.629  -17.673 1.00 0.00 ? 4  ARG A HG3  1 
ATOM 73  H HD2  . ARG A 1 4  ? -4.128  -10.833 -18.775 1.00 0.00 ? 4  ARG A HD2  1 
ATOM 74  H HD3  . ARG A 1 4  ? -3.608  -10.991 -17.097 1.00 0.00 ? 4  ARG A HD3  1 
ATOM 75  H HE   . ARG A 1 4  ? -6.375  -10.912 -16.938 1.00 0.00 ? 4  ARG A HE   1 
ATOM 76  H HH11 . ARG A 1 4  ? -4.051  -12.866 -18.674 1.00 0.00 ? 4  ARG A HH11 1 
ATOM 77  H HH12 . ARG A 1 4  ? -5.081  -14.254 -18.693 1.00 0.00 ? 4  ARG A HH12 1 
ATOM 78  H HH21 . ARG A 1 4  ? -7.675  -12.733 -16.986 1.00 0.00 ? 4  ARG A HH21 1 
ATOM 79  H HH22 . ARG A 1 4  ? -7.111  -14.182 -17.748 1.00 0.00 ? 4  ARG A HH22 1 
ATOM 80  N N    . LYS A 1 5  ? -6.084  -7.819  -13.692 1.00 0.00 ? 5  LYS A N    1 
ATOM 81  C CA   . LYS A 1 5  ? -7.029  -7.342  -12.643 1.00 0.00 ? 5  LYS A CA   1 
ATOM 82  C C    . LYS A 1 5  ? -6.389  -7.512  -11.262 1.00 0.00 ? 5  LYS A C    1 
ATOM 83  O O    . LYS A 1 5  ? -6.676  -8.454  -10.547 1.00 0.00 ? 5  LYS A O    1 
ATOM 84  C CB   . LYS A 1 5  ? -8.317  -8.165  -12.718 1.00 0.00 ? 5  LYS A CB   1 
ATOM 85  C CG   . LYS A 1 5  ? -9.345  -7.602  -11.736 1.00 0.00 ? 5  LYS A CG   1 
ATOM 86  C CD   . LYS A 1 5  ? -10.028 -6.381  -12.356 1.00 0.00 ? 5  LYS A CD   1 
ATOM 87  C CE   . LYS A 1 5  ? -10.399 -5.389  -11.252 1.00 0.00 ? 5  LYS A CE   1 
ATOM 88  N NZ   . LYS A 1 5  ? -10.395 -4.005  -11.807 1.00 0.00 ? 5  LYS A NZ   1 
ATOM 89  H H    . LYS A 1 5  ? -5.842  -8.768  -13.730 1.00 0.00 ? 5  LYS A H    1 
ATOM 90  H HA   . LYS A 1 5  ? -7.257  -6.299  -12.810 1.00 0.00 ? 5  LYS A HA   1 
ATOM 91  H HB2  . LYS A 1 5  ? -8.712  -8.119  -13.723 1.00 0.00 ? 5  LYS A HB2  1 
ATOM 92  H HB3  . LYS A 1 5  ? -8.100  -9.191  -12.464 1.00 0.00 ? 5  LYS A HB3  1 
ATOM 93  H HG2  . LYS A 1 5  ? -10.086 -8.358  -11.519 1.00 0.00 ? 5  LYS A HG2  1 
ATOM 94  H HG3  . LYS A 1 5  ? -8.850  -7.310  -10.823 1.00 0.00 ? 5  LYS A HG3  1 
ATOM 95  H HD2  . LYS A 1 5  ? -9.353  -5.908  -13.055 1.00 0.00 ? 5  LYS A HD2  1 
ATOM 96  H HD3  . LYS A 1 5  ? -10.923 -6.692  -12.873 1.00 0.00 ? 5  LYS A HD3  1 
ATOM 97  H HE2  . LYS A 1 5  ? -11.384 -5.621  -10.875 1.00 0.00 ? 5  LYS A HE2  1 
ATOM 98  H HE3  . LYS A 1 5  ? -9.680  -5.457  -10.450 1.00 0.00 ? 5  LYS A HE3  1 
ATOM 99  H HZ1  . LYS A 1 5  ? -10.884 -3.998  -12.725 1.00 0.00 ? 5  LYS A HZ1  1 
ATOM 100 H HZ2  . LYS A 1 5  ? -10.883 -3.366  -11.148 1.00 0.00 ? 5  LYS A HZ2  1 
ATOM 101 H HZ3  . LYS A 1 5  ? -9.415  -3.685  -11.934 1.00 0.00 ? 5  LYS A HZ3  1 
ATOM 102 N N    . ILE A 1 6  ? -5.524  -6.605  -10.886 1.00 0.00 ? 6  ILE A N    1 
ATOM 103 C CA   . ILE A 1 6  ? -4.858  -6.705  -9.554  1.00 0.00 ? 6  ILE A CA   1 
ATOM 104 C C    . ILE A 1 6  ? -4.444  -5.308  -9.082  1.00 0.00 ? 6  ILE A C    1 
ATOM 105 O O    . ILE A 1 6  ? -4.104  -4.452  -9.877  1.00 0.00 ? 6  ILE A O    1 
ATOM 106 C CB   . ILE A 1 6  ? -3.618  -7.596  -9.665  1.00 0.00 ? 6  ILE A CB   1 
ATOM 107 C CG1  . ILE A 1 6  ? -2.691  -7.056  -10.761 1.00 0.00 ? 6  ILE A CG1  1 
ATOM 108 C CG2  . ILE A 1 6  ? -4.044  -9.022  -10.019 1.00 0.00 ? 6  ILE A CG2  1 
ATOM 109 C CD1  . ILE A 1 6  ? -1.638  -6.139  -10.134 1.00 0.00 ? 6  ILE A CD1  1 
ATOM 110 H H    . ILE A 1 6  ? -5.312  -5.856  -11.482 1.00 0.00 ? 6  ILE A H    1 
ATOM 111 H HA   . ILE A 1 6  ? -5.546  -7.134  -8.841  1.00 0.00 ? 6  ILE A HA   1 
ATOM 112 H HB   . ILE A 1 6  ? -3.095  -7.602  -8.720  1.00 0.00 ? 6  ILE A HB   1 
ATOM 113 H HG12 . ILE A 1 6  ? -2.200  -7.882  -11.255 1.00 0.00 ? 6  ILE A HG12 1 
ATOM 114 H HG13 . ILE A 1 6  ? -3.269  -6.497  -11.481 1.00 0.00 ? 6  ILE A HG13 1 
ATOM 115 H HG21 . ILE A 1 6  ? -4.913  -9.292  -9.437  1.00 0.00 ? 6  ILE A HG21 1 
ATOM 116 H HG22 . ILE A 1 6  ? -4.283  -9.076  -11.071 1.00 0.00 ? 6  ILE A HG22 1 
ATOM 117 H HG23 . ILE A 1 6  ? -3.236  -9.704  -9.798  1.00 0.00 ? 6  ILE A HG23 1 
ATOM 118 H HD11 . ILE A 1 6  ? -1.494  -6.410  -9.098  1.00 0.00 ? 6  ILE A HD11 1 
ATOM 119 H HD12 . ILE A 1 6  ? -0.706  -6.246  -10.667 1.00 0.00 ? 6  ILE A HD12 1 
ATOM 120 H HD13 . ILE A 1 6  ? -1.973  -5.114  -10.194 1.00 0.00 ? 6  ILE A HD13 1 
ATOM 121 N N    . ASP A 1 7  ? -4.470  -5.077  -7.795  1.00 0.00 ? 7  ASP A N    1 
ATOM 122 C CA   . ASP A 1 7  ? -4.079  -3.739  -7.259  1.00 0.00 ? 7  ASP A CA   1 
ATOM 123 C C    . ASP A 1 7  ? -2.621  -3.785  -6.797  1.00 0.00 ? 7  ASP A C    1 
ATOM 124 O O    . ASP A 1 7  ? -2.090  -4.838  -6.499  1.00 0.00 ? 7  ASP A O    1 
ATOM 125 C CB   . ASP A 1 7  ? -4.979  -3.381  -6.075  1.00 0.00 ? 7  ASP A CB   1 
ATOM 126 C CG   . ASP A 1 7  ? -5.083  -1.859  -5.957  1.00 0.00 ? 7  ASP A CG   1 
ATOM 127 O OD1  . ASP A 1 7  ? -4.129  -1.253  -5.499  1.00 0.00 ? 7  ASP A OD1  1 
ATOM 128 O OD2  . ASP A 1 7  ? -6.116  -1.326  -6.327  1.00 0.00 ? 7  ASP A OD2  1 
ATOM 129 H H    . ASP A 1 7  ? -4.748  -5.785  -7.178  1.00 0.00 ? 7  ASP A H    1 
ATOM 130 H HA   . ASP A 1 7  ? -4.187  -2.996  -8.034  1.00 0.00 ? 7  ASP A HA   1 
ATOM 131 H HB2  . ASP A 1 7  ? -5.963  -3.800  -6.231  1.00 0.00 ? 7  ASP A HB2  1 
ATOM 132 H HB3  . ASP A 1 7  ? -4.556  -3.782  -5.167  1.00 0.00 ? 7  ASP A HB3  1 
ATOM 133 N N    . ARG A 1 8  ? -1.974  -2.647  -6.729  1.00 0.00 ? 8  ARG A N    1 
ATOM 134 C CA   . ARG A 1 8  ? -0.551  -2.605  -6.282  1.00 0.00 ? 8  ARG A CA   1 
ATOM 135 C C    . ARG A 1 8  ? -0.035  -1.165  -6.340  1.00 0.00 ? 8  ARG A C    1 
ATOM 136 O O    . ARG A 1 8  ? 0.747   -0.747  -5.509  1.00 0.00 ? 8  ARG A O    1 
ATOM 137 C CB   . ARG A 1 8  ? 0.313   -3.490  -7.189  1.00 0.00 ? 8  ARG A CB   1 
ATOM 138 C CG   . ARG A 1 8  ? 0.068   -3.122  -8.655  1.00 0.00 ? 8  ARG A CG   1 
ATOM 139 C CD   . ARG A 1 8  ? 1.001   -3.936  -9.558  1.00 0.00 ? 8  ARG A CD   1 
ATOM 140 N NE   . ARG A 1 8  ? 1.610   -3.042  -10.602 1.00 0.00 ? 8  ARG A NE   1 
ATOM 141 C CZ   . ARG A 1 8  ? 0.880   -2.275  -11.387 1.00 0.00 ? 8  ARG A CZ   1 
ATOM 142 N NH1  . ARG A 1 8  ? -0.425  -2.396  -11.442 1.00 0.00 ? 8  ARG A NH1  1 
ATOM 143 N NH2  . ARG A 1 8  ? 1.473   -1.420  -12.173 1.00 0.00 ? 8  ARG A NH2  1 
ATOM 144 H H    . ARG A 1 8  ? -2.428  -1.818  -6.966  1.00 0.00 ? 8  ARG A H    1 
ATOM 145 H HA   . ARG A 1 8  ? -0.493  -2.963  -5.269  1.00 0.00 ? 8  ARG A HA   1 
ATOM 146 H HB2  . ARG A 1 8  ? 1.356   -3.338  -6.949  1.00 0.00 ? 8  ARG A HB2  1 
ATOM 147 H HB3  . ARG A 1 8  ? 0.057   -4.527  -7.033  1.00 0.00 ? 8  ARG A HB3  1 
ATOM 148 H HG2  . ARG A 1 8  ? -0.959  -3.336  -8.912  1.00 0.00 ? 8  ARG A HG2  1 
ATOM 149 H HG3  . ARG A 1 8  ? 0.262   -2.070  -8.799  1.00 0.00 ? 8  ARG A HG3  1 
ATOM 150 H HD2  . ARG A 1 8  ? 1.801   -4.347  -8.970  1.00 0.00 ? 8  ARG A HD2  1 
ATOM 151 H HD3  . ARG A 1 8  ? 0.441   -4.751  -10.011 1.00 0.00 ? 8  ARG A HD3  1 
ATOM 152 H HE   . ARG A 1 8  ? 2.587   -2.988  -10.666 1.00 0.00 ? 8  ARG A HE   1 
ATOM 153 H HH11 . ARG A 1 8  ? -0.894  -3.082  -10.891 1.00 0.00 ? 8  ARG A HH11 1 
ATOM 154 H HH12 . ARG A 1 8  ? -0.953  -1.796  -12.043 1.00 0.00 ? 8  ARG A HH12 1 
ATOM 155 H HH21 . ARG A 1 8  ? 2.472   -1.352  -12.175 1.00 0.00 ? 8  ARG A HH21 1 
ATOM 156 H HH22 . ARG A 1 8  ? 0.931   -0.832  -12.773 1.00 0.00 ? 8  ARG A HH22 1 
ATOM 157 N N    . ASP A 1 9  ? -0.463  -0.409  -7.318  1.00 0.98 ? 9  ASP A N    1 
ATOM 158 C CA   . ASP A 1 9  ? 0.002   1.005   -7.441  1.00 0.99 ? 9  ASP A CA   1 
ATOM 159 C C    . ASP A 1 9  ? -0.609  1.861   -6.325  1.00 0.81 ? 9  ASP A C    1 
ATOM 160 O O    . ASP A 1 9  ? -0.108  2.924   -6.011  1.00 0.82 ? 9  ASP A O    1 
ATOM 161 C CB   . ASP A 1 9  ? -0.428  1.563   -8.799  1.00 1.17 ? 9  ASP A CB   1 
ATOM 162 C CG   . ASP A 1 9  ? 0.662   1.282   -9.835  1.00 1.85 ? 9  ASP A CG   1 
ATOM 163 O OD1  . ASP A 1 9  ? 1.058   0.134   -9.952  1.00 2.62 ? 9  ASP A OD1  1 
ATOM 164 O OD2  . ASP A 1 9  ? 1.080   2.218   -10.496 1.00 2.25 ? 9  ASP A OD2  1 
ATOM 165 H H    . ASP A 1 9  ? -1.090  -0.772  -7.975  1.00 1.03 ? 9  ASP A H    1 
ATOM 166 H HA   . ASP A 1 9  ? 1.079   1.036   -7.367  1.00 1.08 ? 9  ASP A HA   1 
ATOM 167 H HB2  . ASP A 1 9  ? -1.350  1.091   -9.107  1.00 1.41 ? 9  ASP A HB2  1 
ATOM 168 H HB3  . ASP A 1 9  ? -0.578  2.630   -8.720  1.00 1.47 ? 9  ASP A HB3  1 
ATOM 169 N N    . ALA A 1 10 ? -1.688  1.414   -5.729  1.00 0.72 ? 10 ALA A N    1 
ATOM 170 C CA   . ALA A 1 10 ? -2.331  2.208   -4.642  1.00 0.70 ? 10 ALA A CA   1 
ATOM 171 C C    . ALA A 1 10 ? -1.429  2.220   -3.403  1.00 0.54 ? 10 ALA A C    1 
ATOM 172 O O    . ALA A 1 10 ? -0.890  3.247   -3.025  1.00 0.54 ? 10 ALA A O    1 
ATOM 173 C CB   . ALA A 1 10 ? -3.680  1.575   -4.288  1.00 0.83 ? 10 ALA A CB   1 
ATOM 174 H H    . ALA A 1 10 ? -2.080  0.560   -6.001  1.00 0.76 ? 10 ALA A H    1 
ATOM 175 H HA   . ALA A 1 10 ? -2.488  3.220   -4.982  1.00 0.83 ? 10 ALA A HA   1 
ATOM 176 H HB1  . ALA A 1 10 ? -4.021  0.971   -5.115  1.00 1.29 ? 10 ALA A HB1  1 
ATOM 177 H HB2  . ALA A 1 10 ? -3.571  0.955   -3.410  1.00 1.44 ? 10 ALA A HB2  1 
ATOM 178 H HB3  . ALA A 1 10 ? -4.401  2.353   -4.091  1.00 1.22 ? 10 ALA A HB3  1 
ATOM 179 N N    . VAL A 1 11 ? -1.264  1.088   -2.764  1.00 0.52 ? 11 VAL A N    1 
ATOM 180 C CA   . VAL A 1 11 ? -0.403  1.025   -1.542  1.00 0.53 ? 11 VAL A CA   1 
ATOM 181 C C    . VAL A 1 11 ? 1.026   1.428   -1.908  1.00 0.49 ? 11 VAL A C    1 
ATOM 182 O O    . VAL A 1 11 ? 1.686   2.144   -1.176  1.00 0.51 ? 11 VAL A O    1 
ATOM 183 C CB   . VAL A 1 11 ? -0.407  -0.401  -0.982  1.00 0.67 ? 11 VAL A CB   1 
ATOM 184 C CG1  . VAL A 1 11 ? 0.391   -0.441  0.327   1.00 0.80 ? 11 VAL A CG1  1 
ATOM 185 C CG2  . VAL A 1 11 ? -1.848  -0.843  -0.712  1.00 0.77 ? 11 VAL A CG2  1 
ATOM 186 H H    . VAL A 1 11 ? -1.710  0.277   -3.089  1.00 0.61 ? 11 VAL A H    1 
ATOM 187 H HA   . VAL A 1 11 ? -0.789  1.706   -0.797  1.00 0.59 ? 11 VAL A HA   1 
ATOM 188 H HB   . VAL A 1 11 ? 0.049   -1.069  -1.699  1.00 0.69 ? 11 VAL A HB   1 
ATOM 189 H HG11 . VAL A 1 11 ? 0.396   0.541   0.776   1.00 1.16 ? 11 VAL A HG11 1 
ATOM 190 H HG12 . VAL A 1 11 ? -0.067  -1.146  1.006   1.00 1.41 ? 11 VAL A HG12 1 
ATOM 191 H HG13 . VAL A 1 11 ? 1.407   -0.749  0.120   1.00 1.36 ? 11 VAL A HG13 1 
ATOM 192 H HG21 . VAL A 1 11 ? -2.520  -0.302  -1.361  1.00 1.18 ? 11 VAL A HG21 1 
ATOM 193 H HG22 . VAL A 1 11 ? -1.940  -1.902  -0.900  1.00 1.23 ? 11 VAL A HG22 1 
ATOM 194 H HG23 . VAL A 1 11 ? -2.100  -0.638  0.318   1.00 1.29 ? 11 VAL A HG23 1 
ATOM 195 N N    . LEU A 1 12 ? 1.503   0.972   -3.034  1.00 0.58 ? 12 LEU A N    1 
ATOM 196 C CA   . LEU A 1 12 ? 2.887   1.321   -3.463  1.00 0.70 ? 12 LEU A CA   1 
ATOM 197 C C    . LEU A 1 12 ? 2.994   2.834   -3.668  1.00 0.57 ? 12 LEU A C    1 
ATOM 198 O O    . LEU A 1 12 ? 4.050   3.408   -3.526  1.00 0.65 ? 12 LEU A O    1 
ATOM 199 C CB   . LEU A 1 12 ? 3.213   0.602   -4.774  1.00 0.96 ? 12 LEU A CB   1 
ATOM 200 C CG   . LEU A 1 12 ? 4.731   0.540   -4.958  1.00 1.41 ? 12 LEU A CG   1 
ATOM 201 C CD1  . LEU A 1 12 ? 5.258   -0.787  -4.410  1.00 2.00 ? 12 LEU A CD1  1 
ATOM 202 C CD2  . LEU A 1 12 ? 5.066   0.644   -6.448  1.00 1.95 ? 12 LEU A CD2  1 
ATOM 203 H H    . LEU A 1 12 ? 0.947   0.400   -3.603  1.00 0.65 ? 12 LEU A H    1 
ATOM 204 H HA   . LEU A 1 12 ? 3.587   1.012   -2.700  1.00 0.80 ? 12 LEU A HA   1 
ATOM 205 H HB2  . LEU A 1 12 ? 2.813   -0.401  -4.742  1.00 1.19 ? 12 LEU A HB2  1 
ATOM 206 H HB3  . LEU A 1 12 ? 2.772   1.141   -5.599  1.00 1.18 ? 12 LEU A HB3  1 
ATOM 207 H HG   . LEU A 1 12 ? 5.192   1.358   -4.425  1.00 1.80 ? 12 LEU A HG   1 
ATOM 208 H HD11 . LEU A 1 12 ? 4.622   -1.121  -3.604  1.00 2.34 ? 12 LEU A HD11 1 
ATOM 209 H HD12 . LEU A 1 12 ? 5.261   -1.525  -5.198  1.00 2.68 ? 12 LEU A HD12 1 
ATOM 210 H HD13 . LEU A 1 12 ? 6.264   -0.649  -4.043  1.00 2.19 ? 12 LEU A HD13 1 
ATOM 211 H HD21 . LEU A 1 12 ? 4.406   0.004   -7.013  1.00 2.45 ? 12 LEU A HD21 1 
ATOM 212 H HD22 . LEU A 1 12 ? 4.943   1.666   -6.775  1.00 2.38 ? 12 LEU A HD22 1 
ATOM 213 H HD23 . LEU A 1 12 ? 6.089   0.336   -6.608  1.00 2.28 ? 12 LEU A HD23 1 
ATOM 214 N N    . ASN A 1 13 ? 1.907   3.483   -3.998  1.00 0.53 ? 13 ASN A N    1 
ATOM 215 C CA   . ASN A 1 13 ? 1.953   4.960   -4.212  1.00 0.61 ? 13 ASN A CA   1 
ATOM 216 C C    . ASN A 1 13 ? 2.112   5.675   -2.867  1.00 0.53 ? 13 ASN A C    1 
ATOM 217 O O    . ASN A 1 13 ? 2.659   6.757   -2.795  1.00 0.67 ? 13 ASN A O    1 
ATOM 218 C CB   . ASN A 1 13 ? 0.658   5.418   -4.884  1.00 0.76 ? 13 ASN A CB   1 
ATOM 219 C CG   . ASN A 1 13 ? 0.858   5.494   -6.401  1.00 1.31 ? 13 ASN A CG   1 
ATOM 220 O OD1  . ASN A 1 13 ? 0.334   6.378   -7.050  1.00 2.20 ? 13 ASN A OD1  1 
ATOM 221 N ND2  . ASN A 1 13 ? 1.599   4.600   -7.000  1.00 1.62 ? 13 ASN A ND2  1 
ATOM 222 H H    . ASN A 1 13 ? 1.062   3.001   -4.107  1.00 0.57 ? 13 ASN A H    1 
ATOM 223 H HA   . ASN A 1 13 ? 2.786   5.206   -4.847  1.00 0.74 ? 13 ASN A HA   1 
ATOM 224 H HB2  . ASN A 1 13 ? -0.130  4.717   -4.658  1.00 1.15 ? 13 ASN A HB2  1 
ATOM 225 H HB3  . ASN A 1 13 ? 0.390   6.393   -4.512  1.00 1.01 ? 13 ASN A HB3  1 
ATOM 226 H HD21 . ASN A 1 13 ? 2.022   3.886   -6.477  1.00 1.83 ? 13 ASN A HD21 1 
ATOM 227 H HD22 . ASN A 1 13 ? 1.730   4.643   -7.969  1.00 2.15 ? 13 ASN A HD22 1 
ATOM 228 N N    . MET A 1 14 ? 1.628   5.083   -1.804  1.00 0.48 ? 14 MET A N    1 
ATOM 229 C CA   . MET A 1 14 ? 1.732   5.722   -0.470  1.00 0.62 ? 14 MET A CA   1 
ATOM 230 C C    . MET A 1 14 ? 3.191   5.741   0.016   1.00 0.59 ? 14 MET A C    1 
ATOM 231 O O    . MET A 1 14 ? 3.704   6.763   0.423   1.00 0.98 ? 14 MET A O    1 
ATOM 232 C CB   . MET A 1 14 ? 0.896   4.921   0.517   1.00 0.86 ? 14 MET A CB   1 
ATOM 233 C CG   . MET A 1 14 ? -0.553  4.871   0.034   1.00 1.23 ? 14 MET A CG   1 
ATOM 234 S SD   . MET A 1 14 ? -1.272  6.531   0.099   1.00 2.37 ? 14 MET A SD   1 
ATOM 235 C CE   . MET A 1 14 ? -1.871  6.589   -1.607  1.00 2.86 ? 14 MET A CE   1 
ATOM 236 H H    . MET A 1 14 ? 1.181   4.221   -1.885  1.00 0.49 ? 14 MET A H    1 
ATOM 237 H HA   . MET A 1 14 ? 1.339   6.722   -0.525  1.00 0.75 ? 14 MET A HA   1 
ATOM 238 H HB2  . MET A 1 14 ? 1.288   3.918   0.586   1.00 1.15 ? 14 MET A HB2  1 
ATOM 239 H HB3  . MET A 1 14 ? 0.936   5.395   1.484   1.00 1.34 ? 14 MET A HB3  1 
ATOM 240 H HG2  . MET A 1 14 ? -0.582  4.505   -0.982  1.00 1.71 ? 14 MET A HG2  1 
ATOM 241 H HG3  . MET A 1 14 ? -1.116  4.207   0.671   1.00 1.58 ? 14 MET A HG3  1 
ATOM 242 H HE1  . MET A 1 14 ? -2.038  5.581   -1.963  1.00 3.26 ? 14 MET A HE1  1 
ATOM 243 H HE2  . MET A 1 14 ? -2.796  7.140   -1.649  1.00 3.43 ? 14 MET A HE2  1 
ATOM 244 H HE3  . MET A 1 14 ? -1.134  7.079   -2.229  1.00 2.83 ? 14 MET A HE3  1 
ATOM 245 N N    . TRP A 1 15 ? 3.840   4.605   0.010   1.00 0.44 ? 15 TRP A N    1 
ATOM 246 C CA   . TRP A 1 15 ? 5.254   4.517   0.509   1.00 0.44 ? 15 TRP A CA   1 
ATOM 247 C C    . TRP A 1 15 ? 6.244   5.176   -0.448  1.00 0.43 ? 15 TRP A C    1 
ATOM 248 O O    . TRP A 1 15 ? 7.210   5.786   -0.029  1.00 0.57 ? 15 TRP A O    1 
ATOM 249 C CB   . TRP A 1 15 ? 5.645   3.046   0.622   1.00 0.53 ? 15 TRP A CB   1 
ATOM 250 C CG   . TRP A 1 15 ? 4.832   2.401   1.663   1.00 0.44 ? 15 TRP A CG   1 
ATOM 251 C CD1  . TRP A 1 15 ? 3.785   1.601   1.422   1.00 0.49 ? 15 TRP A CD1  1 
ATOM 252 C CD2  . TRP A 1 15 ? 4.980   2.480   3.098   1.00 0.38 ? 15 TRP A CD2  1 
ATOM 253 N NE1  . TRP A 1 15 ? 3.258   1.194   2.635   1.00 0.50 ? 15 TRP A NE1  1 
ATOM 254 C CE2  . TRP A 1 15 ? 3.963   1.726   3.701   1.00 0.45 ? 15 TRP A CE2  1 
ATOM 255 C CE3  . TRP A 1 15 ? 5.883   3.143   3.927   1.00 0.41 ? 15 TRP A CE3  1 
ATOM 256 C CZ2  . TRP A 1 15 ? 3.854   1.645   5.093   1.00 0.54 ? 15 TRP A CZ2  1 
ATOM 257 C CZ3  . TRP A 1 15 ? 5.775   3.052   5.312   1.00 0.49 ? 15 TRP A CZ3  1 
ATOM 258 C CH2  . TRP A 1 15 ? 4.760   2.308   5.892   1.00 0.54 ? 15 TRP A CH2  1 
ATOM 259 H H    . TRP A 1 15 ? 3.385   3.793   -0.300  1.00 0.66 ? 15 TRP A H    1 
ATOM 260 H HA   . TRP A 1 15 ? 5.327   4.979   1.481   1.00 0.51 ? 15 TRP A HA   1 
ATOM 261 H HB2  . TRP A 1 15 ? 5.462   2.557   -0.316  1.00 0.68 ? 15 TRP A HB2  1 
ATOM 262 H HB3  . TRP A 1 15 ? 6.686   2.968   0.880   1.00 0.62 ? 15 TRP A HB3  1 
ATOM 263 H HD1  . TRP A 1 15 ? 3.424   1.328   0.436   1.00 0.57 ? 15 TRP A HD1  1 
ATOM 264 H HE1  . TRP A 1 15 ? 2.495   0.604   2.742   1.00 0.59 ? 15 TRP A HE1  1 
ATOM 265 H HE3  . TRP A 1 15 ? 6.679   3.704   3.498   1.00 0.47 ? 15 TRP A HE3  1 
ATOM 266 H HZ2  . TRP A 1 15 ? 3.063   1.072   5.548   1.00 0.65 ? 15 TRP A HZ2  1 
ATOM 267 H HZ3  . TRP A 1 15 ? 6.463   3.577   5.930   1.00 0.57 ? 15 TRP A HZ3  1 
ATOM 268 H HH2  . TRP A 1 15 ? 4.691   2.228   6.955   1.00 0.66 ? 15 TRP A HH2  1 
ATOM 269 N N    . GLN A 1 16 ? 6.042   5.006   -1.718  1.00 0.43 ? 16 GLN A N    1 
ATOM 270 C CA   . GLN A 1 16 ? 6.992   5.563   -2.717  1.00 0.53 ? 16 GLN A CA   1 
ATOM 271 C C    . GLN A 1 16 ? 6.939   7.097   -2.751  1.00 0.54 ? 16 GLN A C    1 
ATOM 272 O O    . GLN A 1 16 ? 7.782   7.730   -3.358  1.00 0.65 ? 16 GLN A O    1 
ATOM 273 C CB   . GLN A 1 16 ? 6.636   4.979   -4.081  1.00 0.65 ? 16 GLN A CB   1 
ATOM 274 C CG   . GLN A 1 16 ? 6.707   3.447   -3.998  1.00 0.67 ? 16 GLN A CG   1 
ATOM 275 C CD   . GLN A 1 16 ? 8.171   3.002   -3.997  1.00 1.07 ? 16 GLN A CD   1 
ATOM 276 O OE1  . GLN A 1 16 ? 9.009   3.633   -4.609  1.00 1.64 ? 16 GLN A OE1  1 
ATOM 277 N NE2  . GLN A 1 16 ? 8.515   1.934   -3.332  1.00 1.72 ? 16 GLN A NE2  1 
ATOM 278 H H    . GLN A 1 16 ? 5.277   4.479   -2.020  1.00 0.49 ? 16 GLN A H    1 
ATOM 279 H HA   . GLN A 1 16 ? 7.993   5.253   -2.457  1.00 0.59 ? 16 GLN A HA   1 
ATOM 280 H HB2  . GLN A 1 16 ? 5.634   5.281   -4.350  1.00 0.65 ? 16 GLN A HB2  1 
ATOM 281 H HB3  . GLN A 1 16 ? 7.336   5.332   -4.823  1.00 0.80 ? 16 GLN A HB3  1 
ATOM 282 H HG2  . GLN A 1 16 ? 6.223   3.107   -3.083  1.00 0.67 ? 16 GLN A HG2  1 
ATOM 283 H HG3  . GLN A 1 16 ? 6.202   3.018   -4.849  1.00 0.85 ? 16 GLN A HG3  1 
ATOM 284 H HE21 . GLN A 1 16 ? 7.838   1.425   -2.838  1.00 2.27 ? 16 GLN A HE21 1 
ATOM 285 H HE22 . GLN A 1 16 ? 9.450   1.640   -3.325  1.00 2.00 ? 16 GLN A HE22 1 
ATOM 286 N N    . GLN A 1 17 ? 5.969   7.703   -2.106  1.00 0.54 ? 17 GLN A N    1 
ATOM 287 C CA   . GLN A 1 17 ? 5.886   9.194   -2.110  1.00 0.60 ? 17 GLN A CA   1 
ATOM 288 C C    . GLN A 1 17 ? 6.461   9.782   -0.806  1.00 0.64 ? 17 GLN A C    1 
ATOM 289 O O    . GLN A 1 17 ? 6.454   10.984  -0.616  1.00 0.96 ? 17 GLN A O    1 
ATOM 290 C CB   . GLN A 1 17 ? 4.424   9.603   -2.255  1.00 0.62 ? 17 GLN A CB   1 
ATOM 291 C CG   . GLN A 1 17 ? 3.883   9.064   -3.578  1.00 0.64 ? 17 GLN A CG   1 
ATOM 292 C CD   . GLN A 1 17 ? 4.356   9.956   -4.728  1.00 1.45 ? 17 GLN A CD   1 
ATOM 293 O OE1  . GLN A 1 17 ? 5.375   10.608  -4.628  1.00 2.36 ? 17 GLN A OE1  1 
ATOM 294 N NE2  . GLN A 1 17 ? 3.650   10.013  -5.825  1.00 1.78 ? 17 GLN A NE2  1 
ATOM 295 H H    . GLN A 1 17 ? 5.296   7.181   -1.624  1.00 0.58 ? 17 GLN A H    1 
ATOM 296 H HA   . GLN A 1 17 ? 6.446   9.578   -2.949  1.00 0.67 ? 17 GLN A HA   1 
ATOM 297 H HB2  . GLN A 1 17 ? 3.855   9.186   -1.438  1.00 0.61 ? 17 GLN A HB2  1 
ATOM 298 H HB3  . GLN A 1 17 ? 4.343   10.679  -2.243  1.00 0.68 ? 17 GLN A HB3  1 
ATOM 299 H HG2  . GLN A 1 17 ? 4.249   8.057   -3.726  1.00 0.91 ? 17 GLN A HG2  1 
ATOM 300 H HG3  . GLN A 1 17 ? 2.804   9.056   -3.549  1.00 1.12 ? 17 GLN A HG3  1 
ATOM 301 H HE21 . GLN A 1 17 ? 2.826   9.488   -5.905  1.00 1.81 ? 17 GLN A HE21 1 
ATOM 302 H HE22 . GLN A 1 17 ? 3.944   10.581  -6.567  1.00 2.43 ? 17 GLN A HE22 1 
ATOM 303 N N    . GLY A 1 18 ? 6.962   8.958   0.088   1.00 0.55 ? 18 GLY A N    1 
ATOM 304 C CA   . GLY A 1 18 ? 7.537   9.487   1.365   1.00 0.58 ? 18 GLY A CA   1 
ATOM 305 C C    . GLY A 1 18 ? 6.421   9.668   2.398   1.00 0.54 ? 18 GLY A C    1 
ATOM 306 O O    . GLY A 1 18 ? 6.108   10.773  2.798   1.00 0.81 ? 18 GLY A O    1 
ATOM 307 H H    . GLY A 1 18 ? 6.966   7.996   -0.078  1.00 0.70 ? 18 GLY A H    1 
ATOM 308 H HA2  . GLY A 1 18 ? 8.270   8.789   1.745   1.00 0.63 ? 18 GLY A HA2  1 
ATOM 309 H HA3  . GLY A 1 18 ? 8.009   10.439  1.180   1.00 0.66 ? 18 GLY A HA3  1 
ATOM 310 N N    . LEU A 1 19 ? 5.813   8.590   2.819   1.00 0.63 ? 19 LEU A N    1 
ATOM 311 C CA   . LEU A 1 19 ? 4.704   8.681   3.816   1.00 0.60 ? 19 LEU A CA   1 
ATOM 312 C C    . LEU A 1 19 ? 5.036   7.843   5.047   1.00 0.56 ? 19 LEU A C    1 
ATOM 313 O O    . LEU A 1 19 ? 6.145   7.372   5.209   1.00 0.70 ? 19 LEU A O    1 
ATOM 314 C CB   . LEU A 1 19 ? 3.426   8.152   3.184   1.00 0.72 ? 19 LEU A CB   1 
ATOM 315 C CG   . LEU A 1 19 ? 2.772   9.202   2.292   1.00 0.73 ? 19 LEU A CG   1 
ATOM 316 C CD1  . LEU A 1 19 ? 3.713   9.607   1.159   1.00 1.18 ? 19 LEU A CD1  1 
ATOM 317 C CD2  . LEU A 1 19 ? 1.504   8.587   1.711   1.00 1.33 ? 19 LEU A CD2  1 
ATOM 318 H H    . LEU A 1 19 ? 6.080   7.713   2.471   1.00 0.92 ? 19 LEU A H    1 
ATOM 319 H HA   . LEU A 1 19 ? 4.558   9.697   4.118   1.00 0.63 ? 19 LEU A HA   1 
ATOM 320 H HB2  . LEU A 1 19 ? 3.653   7.277   2.598   1.00 0.87 ? 19 LEU A HB2  1 
ATOM 321 H HB3  . LEU A 1 19 ? 2.736   7.891   3.960   1.00 1.03 ? 19 LEU A HB3  1 
ATOM 322 H HG   . LEU A 1 19 ? 2.516   10.071  2.880   1.00 1.44 ? 19 LEU A HG   1 
ATOM 323 H HD11 . LEU A 1 19 ? 4.402   8.801   0.959   1.00 1.79 ? 19 LEU A HD11 1 
ATOM 324 H HD12 . LEU A 1 19 ? 3.135   9.818   0.273   1.00 1.76 ? 19 LEU A HD12 1 
ATOM 325 H HD13 . LEU A 1 19 ? 4.263   10.488  1.449   1.00 1.70 ? 19 LEU A HD13 1 
ATOM 326 H HD21 . LEU A 1 19 ? 1.051   7.950   2.457   1.00 1.92 ? 19 LEU A HD21 1 
ATOM 327 H HD22 . LEU A 1 19 ? 0.815   9.370   1.433   1.00 1.86 ? 19 LEU A HD22 1 
ATOM 328 H HD23 . LEU A 1 19 ? 1.756   7.999   0.841   1.00 1.80 ? 19 LEU A HD23 1 
ATOM 329 N N    . GLY A 1 20 ? 4.076   7.664   5.922   1.00 0.49 ? 20 GLY A N    1 
ATOM 330 C CA   . GLY A 1 20 ? 4.331   6.865   7.158   1.00 0.53 ? 20 GLY A CA   1 
ATOM 331 C C    . GLY A 1 20 ? 3.016   6.343   7.752   1.00 0.49 ? 20 GLY A C    1 
ATOM 332 O O    . GLY A 1 20 ? 2.199   7.119   8.180   1.00 0.50 ? 20 GLY A O    1 
ATOM 333 H H    . GLY A 1 20 ? 3.192   8.064   5.766   1.00 0.51 ? 20 GLY A H    1 
ATOM 334 H HA2  . GLY A 1 20 ? 4.973   6.030   6.921   1.00 0.65 ? 20 GLY A HA2  1 
ATOM 335 H HA3  . GLY A 1 20 ? 4.822   7.491   7.888   1.00 0.58 ? 20 GLY A HA3  1 
ATOM 336 N N    . ALA A 1 21 ? 2.846   5.025   7.775   1.00 0.55 ? 21 ALA A N    1 
ATOM 337 C CA   . ALA A 1 21 ? 1.625   4.323   8.353   1.00 0.59 ? 21 ALA A CA   1 
ATOM 338 C C    . ALA A 1 21 ? 0.397   5.226   8.530   1.00 0.49 ? 21 ALA A C    1 
ATOM 339 O O    . ALA A 1 21 ? -0.555  5.109   7.800   1.00 0.48 ? 21 ALA A O    1 
ATOM 340 C CB   . ALA A 1 21 ? 1.990   3.730   9.714   1.00 0.71 ? 21 ALA A CB   1 
ATOM 341 H H    . ALA A 1 21 ? 3.555   4.464   7.399   1.00 0.62 ? 21 ALA A H    1 
ATOM 342 H HA   . ALA A 1 21 ? 1.357   3.510   7.695   1.00 0.71 ? 21 ALA A HA   1 
ATOM 343 H HB1  . ALA A 1 21 ? 2.437   4.495   10.332  1.00 1.27 ? 21 ALA A HB1  1 
ATOM 344 H HB2  . ALA A 1 21 ? 1.096   3.356   10.194  1.00 1.13 ? 21 ALA A HB2  1 
ATOM 345 H HB3  . ALA A 1 21 ? 2.691   2.920   9.579   1.00 1.26 ? 21 ALA A HB3  1 
ATOM 346 N N    . SER A 1 22 ? 0.407   6.104   9.511   1.00 0.53 ? 22 SER A N    1 
ATOM 347 C CA   . SER A 1 22 ? -0.765  7.015   9.754   1.00 0.56 ? 22 SER A CA   1 
ATOM 348 C C    . SER A 1 22 ? -1.230  7.660   8.437   1.00 0.44 ? 22 SER A C    1 
ATOM 349 O O    . SER A 1 22 ? -2.354  7.472   8.016   1.00 0.51 ? 22 SER A O    1 
ATOM 350 C CB   . SER A 1 22 ? -0.353  8.113   10.736  1.00 0.82 ? 22 SER A CB   1 
ATOM 351 O OG   . SER A 1 22 ? -0.443  7.612   12.064  1.00 1.56 ? 22 SER A OG   1 
ATOM 352 H H    . SER A 1 22 ? 1.190   6.161   10.099  1.00 0.60 ? 22 SER A H    1 
ATOM 353 H HA   . SER A 1 22 ? -1.578  6.444   10.178  1.00 0.64 ? 22 SER A HA   1 
ATOM 354 H HB2  . SER A 1 22 ? 0.662   8.413   10.538  1.00 1.25 ? 22 SER A HB2  1 
ATOM 355 H HB3  . SER A 1 22 ? -1.008  8.966   10.617  1.00 1.13 ? 22 SER A HB3  1 
ATOM 356 H HG   . SER A 1 22 ? -1.281  7.898   12.433  1.00 1.93 ? 22 SER A HG   1 
ATOM 357 N N    . HIS A 1 23 ? -0.371  8.407   7.788   1.00 0.51 ? 23 HIS A N    1 
ATOM 358 C CA   . HIS A 1 23 ? -0.754  9.049   6.494   1.00 0.64 ? 23 HIS A CA   1 
ATOM 359 C C    . HIS A 1 23 ? -0.943  7.956   5.434   1.00 0.56 ? 23 HIS A C    1 
ATOM 360 O O    . HIS A 1 23 ? -1.809  8.046   4.583   1.00 0.74 ? 23 HIS A O    1 
ATOM 361 C CB   . HIS A 1 23 ? 0.358   10.014  6.057   1.00 0.88 ? 23 HIS A CB   1 
ATOM 362 C CG   . HIS A 1 23 ? -0.011  10.672  4.752   1.00 1.07 ? 23 HIS A CG   1 
ATOM 363 N ND1  . HIS A 1 23 ? -0.098  12.048  4.613   1.00 1.31 ? 23 HIS A ND1  1 
ATOM 364 C CD2  . HIS A 1 23 ? -0.315  10.150  3.517   1.00 1.33 ? 23 HIS A CD2  1 
ATOM 365 C CE1  . HIS A 1 23 ? -0.443  12.306  3.338   1.00 1.64 ? 23 HIS A CE1  1 
ATOM 366 N NE2  . HIS A 1 23 ? -0.587  11.184  2.626   1.00 1.68 ? 23 HIS A NE2  1 
ATOM 367 H H    . HIS A 1 23 ? 0.527   8.539   8.148   1.00 0.62 ? 23 HIS A H    1 
ATOM 368 H HA   . HIS A 1 23 ? -1.678  9.594   6.620   1.00 0.78 ? 23 HIS A HA   1 
ATOM 369 H HB2  . HIS A 1 23 ? 0.492   10.772  6.814   1.00 1.12 ? 23 HIS A HB2  1 
ATOM 370 H HB3  . HIS A 1 23 ? 1.280   9.465   5.933   1.00 1.03 ? 23 HIS A HB3  1 
ATOM 371 H HD1  . HIS A 1 23 ? 0.059   12.712  5.316   1.00 1.38 ? 23 HIS A HD1  1 
ATOM 372 H HD2  . HIS A 1 23 ? -0.342  9.094   3.278   1.00 1.41 ? 23 HIS A HD2  1 
ATOM 373 H HE1  . HIS A 1 23 ? -0.583  13.299  2.937   1.00 1.94 ? 23 HIS A HE1  1 
ATOM 374 N N    . ILE A 1 24 ? -0.147  6.917   5.492   1.00 0.43 ? 24 ILE A N    1 
ATOM 375 C CA   . ILE A 1 24 ? -0.280  5.796   4.495   1.00 0.52 ? 24 ILE A CA   1 
ATOM 376 C C    . ILE A 1 24 ? -1.600  5.044   4.729   1.00 0.75 ? 24 ILE A C    1 
ATOM 377 O O    . ILE A 1 24 ? -2.017  4.237   3.923   1.00 1.20 ? 24 ILE A O    1 
ATOM 378 C CB   . ILE A 1 24 ? 0.904   4.838   4.664   1.00 0.52 ? 24 ILE A CB   1 
ATOM 379 C CG1  . ILE A 1 24 ? 2.191   5.637   4.587   1.00 0.91 ? 24 ILE A CG1  1 
ATOM 380 C CG2  . ILE A 1 24 ? 0.935   3.772   3.553   1.00 0.80 ? 24 ILE A CG2  1 
ATOM 381 C CD1  . ILE A 1 24 ? 3.334   4.724   4.935   1.00 1.39 ? 24 ILE A CD1  1 
ATOM 382 H H    . ILE A 1 24 ? 0.532   6.866   6.203   1.00 0.41 ? 24 ILE A H    1 
ATOM 383 H HA   . ILE A 1 24 ? -0.273  6.203   3.495   1.00 0.64 ? 24 ILE A HA   1 
ATOM 384 H HB   . ILE A 1 24 ? 0.841   4.353   5.626   1.00 0.84 ? 24 ILE A HB   1 
ATOM 385 H HG12 . ILE A 1 24 ? 2.317   6.005   3.583   1.00 1.06 ? 24 ILE A HG12 1 
ATOM 386 H HG13 . ILE A 1 24 ? 2.160   6.461   5.280   1.00 1.43 ? 24 ILE A HG13 1 
ATOM 387 H HG21 . ILE A 1 24 ? 0.274   4.067   2.756   1.00 1.33 ? 24 ILE A HG21 1 
ATOM 388 H HG22 . ILE A 1 24 ? 1.958   3.669   3.168   1.00 1.24 ? 24 ILE A HG22 1 
ATOM 389 H HG23 . ILE A 1 24 ? 0.617   2.826   3.959   1.00 1.29 ? 24 ILE A HG23 1 
ATOM 390 H HD11 . ILE A 1 24 ? 2.997   4.016   5.674   1.00 1.85 ? 24 ILE A HD11 1 
ATOM 391 H HD12 . ILE A 1 24 ? 3.634   4.204   4.051   1.00 1.88 ? 24 ILE A HD12 1 
ATOM 392 H HD13 . ILE A 1 24 ? 4.157   5.292   5.316   1.00 1.84 ? 24 ILE A HD13 1 
ATOM 393 N N    . SER A 1 25 ? -2.257  5.309   5.829   1.00 0.57 ? 25 SER A N    1 
ATOM 394 C CA   . SER A 1 25 ? -3.549  4.637   6.140   1.00 0.85 ? 25 SER A CA   1 
ATOM 395 C C    . SER A 1 25 ? -4.710  5.596   5.833   1.00 0.96 ? 25 SER A C    1 
ATOM 396 O O    . SER A 1 25 ? -5.803  5.174   5.508   1.00 1.16 ? 25 SER A O    1 
ATOM 397 C CB   . SER A 1 25 ? -3.567  4.262   7.628   1.00 1.15 ? 25 SER A CB   1 
ATOM 398 O OG   . SER A 1 25 ? -4.910  4.096   8.071   1.00 1.71 ? 25 SER A OG   1 
ATOM 399 H H    . SER A 1 25 ? -1.897  5.956   6.453   1.00 0.46 ? 25 SER A H    1 
ATOM 400 H HA   . SER A 1 25 ? -3.648  3.744   5.540   1.00 0.91 ? 25 SER A HA   1 
ATOM 401 H HB2  . SER A 1 25 ? -3.032  3.339   7.774   1.00 1.47 ? 25 SER A HB2  1 
ATOM 402 H HB3  . SER A 1 25 ? -3.084  5.045   8.198   1.00 1.73 ? 25 SER A HB3  1 
ATOM 403 H HG   . SER A 1 25 ? -5.060  4.704   8.800   1.00 2.02 ? 25 SER A HG   1 
ATOM 404 N N    . LYS A 1 26 ? -4.476  6.883   5.937   1.00 1.07 ? 26 LYS A N    1 
ATOM 405 C CA   . LYS A 1 26 ? -5.557  7.875   5.657   1.00 1.40 ? 26 LYS A CA   1 
ATOM 406 C C    . LYS A 1 26 ? -5.760  7.996   4.148   1.00 1.27 ? 26 LYS A C    1 
ATOM 407 O O    . LYS A 1 26 ? -6.834  7.742   3.637   1.00 1.42 ? 26 LYS A O    1 
ATOM 408 C CB   . LYS A 1 26 ? -5.167  9.237   6.230   1.00 1.74 ? 26 LYS A CB   1 
ATOM 409 C CG   . LYS A 1 26 ? -5.705  9.376   7.664   1.00 2.12 ? 26 LYS A CG   1 
ATOM 410 C CD   . LYS A 1 26 ? -4.543  9.595   8.643   1.00 2.31 ? 26 LYS A CD   1 
ATOM 411 C CE   . LYS A 1 26 ? -4.749  8.732   9.891   1.00 2.62 ? 26 LYS A CE   1 
ATOM 412 N NZ   . LYS A 1 26 ? -3.575  8.874   10.798  1.00 2.76 ? 26 LYS A NZ   1 
ATOM 413 H H    . LYS A 1 26 ? -3.589  7.198   6.200   1.00 1.07 ? 26 LYS A H    1 
ATOM 414 H HA   . LYS A 1 26 ? -6.475  7.546   6.117   1.00 1.58 ? 26 LYS A HA   1 
ATOM 415 H HB2  . LYS A 1 26 ? -4.091  9.329   6.232   1.00 1.95 ? 26 LYS A HB2  1 
ATOM 416 H HB3  . LYS A 1 26 ? -5.591  10.013  5.616   1.00 2.05 ? 26 LYS A HB3  1 
ATOM 417 H HG2  . LYS A 1 26 ? -6.375  10.221  7.712   1.00 2.50 ? 26 LYS A HG2  1 
ATOM 418 H HG3  . LYS A 1 26 ? -6.242  8.479   7.939   1.00 2.47 ? 26 LYS A HG3  1 
ATOM 419 H HD2  . LYS A 1 26 ? -3.611  9.322   8.167   1.00 2.74 ? 26 LYS A HD2  1 
ATOM 420 H HD3  . LYS A 1 26 ? -4.508  10.635  8.931   1.00 2.57 ? 26 LYS A HD3  1 
ATOM 421 H HE2  . LYS A 1 26 ? -5.642  9.051   10.406  1.00 2.91 ? 26 LYS A HE2  1 
ATOM 422 H HE3  . LYS A 1 26 ? -4.853  7.697   9.597   1.00 3.14 ? 26 LYS A HE3  1 
ATOM 423 H HZ1  . LYS A 1 26 ? -3.194  9.840   10.726  1.00 2.74 ? 26 LYS A HZ1  1 
ATOM 424 H HZ2  . LYS A 1 26 ? -3.868  8.690   11.777  1.00 3.19 ? 26 LYS A HZ2  1 
ATOM 425 H HZ3  . LYS A 1 26 ? -2.841  8.191   10.525  1.00 3.06 ? 26 LYS A HZ3  1 
ATOM 426 N N    . THR A 1 27 ? -4.730  8.375   3.430   1.00 1.09 ? 27 THR A N    1 
ATOM 427 C CA   . THR A 1 27 ? -4.851  8.505   1.947   1.00 1.16 ? 27 THR A CA   1 
ATOM 428 C C    . THR A 1 27 ? -5.242  7.144   1.363   1.00 0.87 ? 27 THR A C    1 
ATOM 429 O O    . THR A 1 27 ? -6.152  7.036   0.564   1.00 0.93 ? 27 THR A O    1 
ATOM 430 C CB   . THR A 1 27 ? -3.508  8.956   1.367   1.00 1.38 ? 27 THR A CB   1 
ATOM 431 O OG1  . THR A 1 27 ? -3.108  10.166  1.995   1.00 1.95 ? 27 THR A OG1  1 
ATOM 432 C CG2  . THR A 1 27 ? -3.648  9.183   -0.138  1.00 1.87 ? 27 THR A CG2  1 
ATOM 433 H H    . THR A 1 27 ? -3.874  8.566   3.868   1.00 1.02 ? 27 THR A H    1 
ATOM 434 H HA   . THR A 1 27 ? -5.613  9.232   1.709   1.00 1.43 ? 27 THR A HA   1 
ATOM 435 H HB   . THR A 1 27 ? -2.766  8.197   1.546   1.00 1.28 ? 27 THR A HB   1 
ATOM 436 H HG1  . THR A 1 27 ? -3.838  10.788  1.934   1.00 2.15 ? 27 THR A HG1  1 
ATOM 437 H HG21 . THR A 1 27 ? -4.180  8.353   -0.580  1.00 2.26 ? 27 THR A HG21 1 
ATOM 438 H HG22 . THR A 1 27 ? -4.195  10.097  -0.315  1.00 2.20 ? 27 THR A HG22 1 
ATOM 439 H HG23 . THR A 1 27 ? -2.667  9.259   -0.584  1.00 2.33 ? 27 THR A HG23 1 
ATOM 440 N N    . MET A 1 28 ? -4.571  6.104   1.788   1.00 0.77 ? 28 MET A N    1 
ATOM 441 C CA   . MET A 1 28 ? -4.886  4.753   1.319   1.00 0.77 ? 28 MET A CA   1 
ATOM 442 C C    . MET A 1 28 ? -5.689  4.070   2.438   1.00 0.98 ? 28 MET A C    1 
ATOM 443 O O    . MET A 1 28 ? -5.146  3.635   3.432   1.00 1.84 ? 28 MET A O    1 
ATOM 444 C CB   . MET A 1 28 ? -3.559  4.030   1.051   1.00 1.10 ? 28 MET A CB   1 
ATOM 445 C CG   . MET A 1 28 ? -3.828  2.578   0.667   1.00 2.23 ? 28 MET A CG   1 
ATOM 446 S SD   . MET A 1 28 ? -3.630  2.350   -1.122  1.00 3.11 ? 28 MET A SD   1 
ATOM 447 C CE   . MET A 1 28 ? -4.704  3.704   -1.666  1.00 3.70 ? 28 MET A CE   1 
ATOM 448 H H    . MET A 1 28 ? -3.865  6.209   2.440   1.00 0.87 ? 28 MET A H    1 
ATOM 449 H HA   . MET A 1 28 ? -5.477  4.802   0.418   1.00 0.97 ? 28 MET A HA   1 
ATOM 450 H HB2  . MET A 1 28 ? -3.028  4.530   0.247   1.00 1.31 ? 28 MET A HB2  1 
ATOM 451 H HB3  . MET A 1 28 ? -2.952  4.056   1.939   1.00 1.41 ? 28 MET A HB3  1 
ATOM 452 H HG2  . MET A 1 28 ? -3.131  1.947   1.191   1.00 2.78 ? 28 MET A HG2  1 
ATOM 453 H HG3  . MET A 1 28 ? -4.831  2.318   0.955   1.00 2.70 ? 28 MET A HG3  1 
ATOM 454 H HE1  . MET A 1 28 ? -4.370  4.630   -1.223  1.00 3.85 ? 28 MET A HE1  1 
ATOM 455 H HE2  . MET A 1 28 ? -4.663  3.787   -2.742  1.00 4.13 ? 28 MET A HE2  1 
ATOM 456 H HE3  . MET A 1 28 ? -5.719  3.504   -1.352  1.00 4.04 ? 28 MET A HE3  1 
ATOM 457 N N    . ASN A 1 29 ? -6.986  4.026   2.290   1.00 1.24 ? 29 ASN A N    1 
ATOM 458 C CA   . ASN A 1 29 ? -7.875  3.429   3.341   1.00 1.66 ? 29 ASN A CA   1 
ATOM 459 C C    . ASN A 1 29 ? -7.392  2.042   3.794   1.00 1.19 ? 29 ASN A C    1 
ATOM 460 O O    . ASN A 1 29 ? -7.777  1.034   3.239   1.00 1.60 ? 29 ASN A O    1 
ATOM 461 C CB   . ASN A 1 29 ? -9.292  3.302   2.779   1.00 2.67 ? 29 ASN A CB   1 
ATOM 462 C CG   . ASN A 1 29 ? -10.270 3.008   3.918   1.00 3.49 ? 29 ASN A CG   1 
ATOM 463 O OD1  . ASN A 1 29 ? -10.051 2.108   4.706   1.00 4.02 ? 29 ASN A OD1  1 
ATOM 464 N ND2  . ASN A 1 29 ? -11.348 3.732   4.040   1.00 4.12 ? 29 ASN A ND2  1 
ATOM 465 H H    . ASN A 1 29 ? -7.388  4.422   1.491   1.00 1.79 ? 29 ASN A H    1 
ATOM 466 H HA   . ASN A 1 29 ? -7.899  4.088   4.195   1.00 2.02 ? 29 ASN A HA   1 
ATOM 467 H HB2  . ASN A 1 29 ? -9.570  4.227   2.295   1.00 3.04 ? 29 ASN A HB2  1 
ATOM 468 H HB3  . ASN A 1 29 ? -9.325  2.496   2.062   1.00 3.00 ? 29 ASN A HB3  1 
ATOM 469 H HD21 . ASN A 1 29 ? -11.525 4.457   3.405   1.00 4.14 ? 29 ASN A HD21 1 
ATOM 470 H HD22 . ASN A 1 29 ? -11.981 3.552   4.766   1.00 4.84 ? 29 ASN A HD22 1 
ATOM 471 N N    . ILE A 1 30 ? -6.583  1.994   4.824   1.00 0.79 ? 30 ILE A N    1 
ATOM 472 C CA   . ILE A 1 30 ? -6.089  0.680   5.361   1.00 0.85 ? 30 ILE A CA   1 
ATOM 473 C C    . ILE A 1 30 ? -5.429  0.916   6.725   1.00 0.62 ? 30 ILE A C    1 
ATOM 474 O O    . ILE A 1 30 ? -4.757  1.906   6.929   1.00 1.11 ? 30 ILE A O    1 
ATOM 475 C CB   . ILE A 1 30 ? -5.063  0.028   4.414   1.00 1.63 ? 30 ILE A CB   1 
ATOM 476 C CG1  . ILE A 1 30 ? -4.201  1.094   3.732   1.00 2.05 ? 30 ILE A CG1  1 
ATOM 477 C CG2  . ILE A 1 30 ? -5.787  -0.797  3.349   1.00 2.22 ? 30 ILE A CG2  1 
ATOM 478 C CD1  . ILE A 1 30 ? -2.888  0.464   3.274   1.00 2.71 ? 30 ILE A CD1  1 
ATOM 479 H H    . ILE A 1 30 ? -6.313  2.828   5.265   1.00 1.02 ? 30 ILE A H    1 
ATOM 480 H HA   . ILE A 1 30 ? -6.931  0.013   5.489   1.00 1.29 ? 30 ILE A HA   1 
ATOM 481 H HB   . ILE A 1 30 ? -4.426  -0.629  4.990   1.00 1.93 ? 30 ILE A HB   1 
ATOM 482 H HG12 . ILE A 1 30 ? -4.729  1.490   2.876   1.00 2.51 ? 30 ILE A HG12 1 
ATOM 483 H HG13 . ILE A 1 30 ? -3.993  1.891   4.429   1.00 2.29 ? 30 ILE A HG13 1 
ATOM 484 H HG21 . ILE A 1 30 ? -6.749  -1.109  3.728   1.00 2.74 ? 30 ILE A HG21 1 
ATOM 485 H HG22 . ILE A 1 30 ? -5.929  -0.195  2.463   1.00 2.62 ? 30 ILE A HG22 1 
ATOM 486 H HG23 . ILE A 1 30 ? -5.196  -1.666  3.104   1.00 2.37 ? 30 ILE A HG23 1 
ATOM 487 H HD11 . ILE A 1 30 ? -2.658  -0.383  3.906   1.00 3.35 ? 30 ILE A HD11 1 
ATOM 488 H HD12 . ILE A 1 30 ? -2.984  0.133   2.250   1.00 3.05 ? 30 ILE A HD12 1 
ATOM 489 H HD13 . ILE A 1 30 ? -2.097  1.192   3.345   1.00 2.88 ? 30 ILE A HD13 1 
ATOM 490 N N    . ALA A 1 31 ? -5.611  0.010   7.659   1.00 0.82 ? 31 ALA A N    1 
ATOM 491 C CA   . ALA A 1 31 ? -4.990  0.179   9.015   1.00 0.71 ? 31 ALA A CA   1 
ATOM 492 C C    . ALA A 1 31 ? -3.469  0.224   8.868   1.00 0.60 ? 31 ALA A C    1 
ATOM 493 O O    . ALA A 1 31 ? -2.944  -0.182  7.859   1.00 0.61 ? 31 ALA A O    1 
ATOM 494 C CB   . ALA A 1 31 ? -5.383  -1.000  9.907   1.00 0.86 ? 31 ALA A CB   1 
ATOM 495 H H    . ALA A 1 31 ? -6.152  -0.782  7.465   1.00 1.39 ? 31 ALA A H    1 
ATOM 496 H HA   . ALA A 1 31 ? -5.338  1.101   9.459   1.00 0.89 ? 31 ALA A HA   1 
ATOM 497 H HB1  . ALA A 1 31 ? -6.405  -1.283  9.701   1.00 1.32 ? 31 ALA A HB1  1 
ATOM 498 H HB2  . ALA A 1 31 ? -4.730  -1.837  9.706   1.00 1.25 ? 31 ALA A HB2  1 
ATOM 499 H HB3  . ALA A 1 31 ? -5.291  -0.713  10.944  1.00 1.48 ? 31 ALA A HB3  1 
ATOM 500 N N    . ARG A 1 32 ? -2.758  0.727   9.854   1.00 0.58 ? 32 ARG A N    1 
ATOM 501 C CA   . ARG A 1 32 ? -1.274  0.808   9.745   1.00 0.55 ? 32 ARG A CA   1 
ATOM 502 C C    . ARG A 1 32 ? -0.655  -0.595  9.681   1.00 0.44 ? 32 ARG A C    1 
ATOM 503 O O    . ARG A 1 32 ? 0.251   -0.840  8.903   1.00 0.44 ? 32 ARG A O    1 
ATOM 504 C CB   . ARG A 1 32 ? -0.725  1.582   10.945  1.00 0.67 ? 32 ARG A CB   1 
ATOM 505 C CG   . ARG A 1 32 ? -1.111  0.886   12.253  1.00 0.73 ? 32 ARG A CG   1 
ATOM 506 C CD   . ARG A 1 32 ? 0.012   -0.058  12.696  1.00 1.23 ? 32 ARG A CD   1 
ATOM 507 N NE   . ARG A 1 32 ? 0.485   0.337   14.059  1.00 1.54 ? 32 ARG A NE   1 
ATOM 508 C CZ   . ARG A 1 32 ? 1.222   -0.474  14.793  1.00 2.09 ? 32 ARG A CZ   1 
ATOM 509 N NH1  . ARG A 1 32 ? 1.562   -1.669  14.367  1.00 2.69 ? 32 ARG A NH1  1 
ATOM 510 N NH2  . ARG A 1 32 ? 1.619   -0.080  15.972  1.00 2.64 ? 32 ARG A NH2  1 
ATOM 511 H H    . ARG A 1 32 ? -3.199  1.064   10.658  1.00 0.66 ? 32 ARG A H    1 
ATOM 512 H HA   . ARG A 1 32 ? -1.023  1.340   8.842   1.00 0.58 ? 32 ARG A HA   1 
ATOM 513 H HB2  . ARG A 1 32 ? 0.351   1.641   10.873  1.00 0.89 ? 32 ARG A HB2  1 
ATOM 514 H HB3  . ARG A 1 32 ? -1.144  2.577   10.938  1.00 0.91 ? 32 ARG A HB3  1 
ATOM 515 H HG2  . ARG A 1 32 ? -1.271  1.634   13.017  1.00 1.06 ? 32 ARG A HG2  1 
ATOM 516 H HG3  . ARG A 1 32 ? -2.020  0.324   12.110  1.00 1.10 ? 32 ARG A HG3  1 
ATOM 517 H HD2  . ARG A 1 32 ? -0.361  -1.069  12.724  1.00 1.61 ? 32 ARG A HD2  1 
ATOM 518 H HD3  . ARG A 1 32 ? 0.837   0.002   12.002  1.00 1.83 ? 32 ARG A HD3  1 
ATOM 519 H HE   . ARG A 1 32 ? 0.245   1.219   14.412  1.00 1.94 ? 32 ARG A HE   1 
ATOM 520 H HH11 . ARG A 1 32 ? 1.265   -1.991  13.470  1.00 2.72 ? 32 ARG A HH11 1 
ATOM 521 H HH12 . ARG A 1 32 ? 2.121   -2.260  14.946  1.00 3.41 ? 32 ARG A HH12 1 
ATOM 522 H HH21 . ARG A 1 32 ? 1.365   0.827   16.309  1.00 2.80 ? 32 ARG A HH21 1 
ATOM 523 H HH22 . ARG A 1 32 ? 2.179   -0.685  16.539  1.00 3.19 ? 32 ARG A HH22 1 
ATOM 524 N N    . SER A 1 33 ? -1.140  -1.519  10.473  1.00 0.43 ? 33 SER A N    1 
ATOM 525 C CA   . SER A 1 33 ? -0.572  -2.902  10.430  1.00 0.39 ? 33 SER A CA   1 
ATOM 526 C C    . SER A 1 33 ? -1.017  -3.560  9.124   1.00 0.37 ? 33 SER A C    1 
ATOM 527 O O    . SER A 1 33 ? -0.286  -4.315  8.508   1.00 0.35 ? 33 SER A O    1 
ATOM 528 C CB   . SER A 1 33 ? -1.076  -3.733  11.622  1.00 0.47 ? 33 SER A CB   1 
ATOM 529 O OG   . SER A 1 33 ? -1.640  -2.878  12.608  1.00 1.13 ? 33 SER A OG   1 
ATOM 530 H H    . SER A 1 33 ? -1.879  -1.307  11.077  1.00 0.50 ? 33 SER A H    1 
ATOM 531 H HA   . SER A 1 33 ? 0.511   -2.843  10.455  1.00 0.38 ? 33 SER A HA   1 
ATOM 532 H HB2  . SER A 1 33 ? -1.829  -4.427  11.289  1.00 1.28 ? 33 SER A HB2  1 
ATOM 533 H HB3  . SER A 1 33 ? -0.247  -4.286  12.045  1.00 1.21 ? 33 SER A HB3  1 
ATOM 534 H HG   . SER A 1 33 ? -2.475  -3.261  12.889  1.00 1.56 ? 33 SER A HG   1 
ATOM 535 N N    . THR A 1 34 ? -2.216  -3.258  8.695   1.00 0.44 ? 34 THR A N    1 
ATOM 536 C CA   . THR A 1 34 ? -2.741  -3.833  7.425   1.00 0.49 ? 34 THR A CA   1 
ATOM 537 C C    . THR A 1 34 ? -1.844  -3.387  6.273   1.00 0.49 ? 34 THR A C    1 
ATOM 538 O O    . THR A 1 34 ? -1.619  -4.115  5.315   1.00 0.53 ? 34 THR A O    1 
ATOM 539 C CB   . THR A 1 34 ? -4.162  -3.313  7.195   1.00 0.59 ? 34 THR A CB   1 
ATOM 540 O OG1  . THR A 1 34 ? -4.964  -3.620  8.327   1.00 0.62 ? 34 THR A OG1  1 
ATOM 541 C CG2  . THR A 1 34 ? -4.759  -3.972  5.950   1.00 0.67 ? 34 THR A CG2  1 
ATOM 542 H H    . THR A 1 34 ? -2.770  -2.637  9.209   1.00 0.48 ? 34 THR A H    1 
ATOM 543 H HA   . THR A 1 34 ? -2.752  -4.910  7.486   1.00 0.48 ? 34 THR A HA   1 
ATOM 544 H HB   . THR A 1 34 ? -4.132  -2.242  7.054   1.00 0.61 ? 34 THR A HB   1 
ATOM 545 H HG1  . THR A 1 34 ? -5.717  -3.025  8.327   1.00 1.06 ? 34 THR A HG1  1 
ATOM 546 H HG21 . THR A 1 34 ? -4.517  -5.024  5.949   1.00 0.97 ? 34 THR A HG21 1 
ATOM 547 H HG22 . THR A 1 34 ? -5.832  -3.849  5.957   1.00 1.39 ? 34 THR A HG22 1 
ATOM 548 H HG23 . THR A 1 34 ? -4.350  -3.508  5.065   1.00 1.29 ? 34 THR A HG23 1 
ATOM 549 N N    . VAL A 1 35 ? -1.310  -2.194  6.369   1.00 0.49 ? 35 VAL A N    1 
ATOM 550 C CA   . VAL A 1 35 ? -0.416  -1.701  5.299   1.00 0.51 ? 35 VAL A CA   1 
ATOM 551 C C    . VAL A 1 35 ? 0.837   -2.561  5.302   1.00 0.40 ? 35 VAL A C    1 
ATOM 552 O O    . VAL A 1 35 ? 1.399   -2.817  4.270   1.00 0.44 ? 35 VAL A O    1 
ATOM 553 C CB   . VAL A 1 35 ? -0.020  -0.237  5.535   1.00 0.61 ? 35 VAL A CB   1 
ATOM 554 C CG1  . VAL A 1 35 ? 0.578   0.331   4.247   1.00 0.58 ? 35 VAL A CG1  1 
ATOM 555 C CG2  . VAL A 1 35 ? -1.239  0.599   5.930   1.00 0.94 ? 35 VAL A CG2  1 
ATOM 556 H H    . VAL A 1 35 ? -1.486  -1.638  7.152   1.00 0.53 ? 35 VAL A H    1 
ATOM 557 H HA   . VAL A 1 35 ? -0.913  -1.793  4.345   1.00 0.58 ? 35 VAL A HA   1 
ATOM 558 H HB   . VAL A 1 35 ? 0.717   -0.194  6.322   1.00 0.82 ? 35 VAL A HB   1 
ATOM 559 H HG11 . VAL A 1 35 ? 0.966   -0.484  3.635   1.00 1.10 ? 35 VAL A HG11 1 
ATOM 560 H HG12 . VAL A 1 35 ? -0.183  0.861   3.697   1.00 1.21 ? 35 VAL A HG12 1 
ATOM 561 H HG13 . VAL A 1 35 ? 1.385   1.014   4.499   1.00 1.21 ? 35 VAL A HG13 1 
ATOM 562 H HG21 . VAL A 1 35 ? -2.138  0.024   5.776   1.00 1.29 ? 35 VAL A HG21 1 
ATOM 563 H HG22 . VAL A 1 35 ? -1.157  0.871   6.969   1.00 1.56 ? 35 VAL A HG22 1 
ATOM 564 H HG23 . VAL A 1 35 ? -1.277  1.497   5.329   1.00 1.46 ? 35 VAL A HG23 1 
ATOM 565 N N    . TYR A 1 36 ? 1.275   -3.010  6.461   1.00 0.35 ? 36 TYR A N    1 
ATOM 566 C CA   . TYR A 1 36 ? 2.508   -3.862  6.510   1.00 0.32 ? 36 TYR A CA   1 
ATOM 567 C C    . TYR A 1 36 ? 2.223   -5.271  6.021   1.00 0.37 ? 36 TYR A C    1 
ATOM 568 O O    . TYR A 1 36 ? 3.138   -5.997  5.679   1.00 0.47 ? 36 TYR A O    1 
ATOM 569 C CB   . TYR A 1 36 ? 3.130   -3.844  7.909   1.00 0.32 ? 36 TYR A CB   1 
ATOM 570 C CG   . TYR A 1 36 ? 3.842   -2.517  8.092   1.00 0.31 ? 36 TYR A CG   1 
ATOM 571 C CD1  . TYR A 1 36 ? 4.709   -2.027  7.095   1.00 1.26 ? 36 TYR A CD1  1 
ATOM 572 C CD2  . TYR A 1 36 ? 3.614   -1.765  9.243   1.00 1.15 ? 36 TYR A CD2  1 
ATOM 573 C CE1  . TYR A 1 36 ? 5.340   -0.796  7.248   1.00 1.27 ? 36 TYR A CE1  1 
ATOM 574 C CE2  . TYR A 1 36 ? 4.246   -0.528  9.407   1.00 1.16 ? 36 TYR A CE2  1 
ATOM 575 C CZ   . TYR A 1 36 ? 5.108   -0.038  8.408   1.00 0.39 ? 36 TYR A CZ   1 
ATOM 576 O OH   . TYR A 1 36 ? 5.737   1.178   8.578   1.00 0.45 ? 36 TYR A OH   1 
ATOM 577 H H    . TYR A 1 36 ? 0.795   -2.782  7.290   1.00 0.40 ? 36 TYR A H    1 
ATOM 578 H HA   . TYR A 1 36 ? 3.217   -3.455  5.825   1.00 0.37 ? 36 TYR A HA   1 
ATOM 579 H HB2  . TYR A 1 36 ? 2.355   -3.946  8.656   1.00 0.34 ? 36 TYR A HB2  1 
ATOM 580 H HB3  . TYR A 1 36 ? 3.840   -4.651  8.005   1.00 0.37 ? 36 TYR A HB3  1 
ATOM 581 H HD1  . TYR A 1 36 ? 4.891   -2.611  6.207   1.00 2.13 ? 36 TYR A HD1  1 
ATOM 582 H HD2  . TYR A 1 36 ? 2.949   -2.140  10.007  1.00 2.02 ? 36 TYR A HD2  1 
ATOM 583 H HE1  . TYR A 1 36 ? 5.988   -0.424  6.457   1.00 2.16 ? 36 TYR A HE1  1 
ATOM 584 H HE2  . TYR A 1 36 ? 4.063   0.051   10.297  1.00 2.05 ? 36 TYR A HE2  1 
ATOM 585 H HH   . TYR A 1 36 ? 5.101   1.791   8.953   1.00 0.92 ? 36 TYR A HH   1 
ATOM 586 N N    . LYS A 1 37 ? 0.978   -5.644  5.891   1.00 0.39 ? 37 LYS A N    1 
ATOM 587 C CA   . LYS A 1 37 ? 0.676   -6.972  5.308   1.00 0.49 ? 37 LYS A CA   1 
ATOM 588 C C    . LYS A 1 37 ? 1.073   -6.880  3.831   1.00 0.56 ? 37 LYS A C    1 
ATOM 589 O O    . LYS A 1 37 ? 1.637   -7.785  3.251   1.00 0.64 ? 37 LYS A O    1 
ATOM 590 C CB   . LYS A 1 37 ? -0.815  -7.260  5.409   1.00 0.54 ? 37 LYS A CB   1 
ATOM 591 C CG   . LYS A 1 37 ? -1.109  -8.066  6.680   1.00 0.92 ? 37 LYS A CG   1 
ATOM 592 C CD   . LYS A 1 37 ? -1.660  -7.139  7.763   1.00 1.65 ? 37 LYS A CD   1 
ATOM 593 C CE   . LYS A 1 37 ? -1.336  -7.717  9.142   1.00 2.40 ? 37 LYS A CE   1 
ATOM 594 N NZ   . LYS A 1 37 ? 0.109   -7.506  9.442   1.00 3.11 ? 37 LYS A NZ   1 
ATOM 595 H H    . LYS A 1 37 ? 0.252   -5.036  6.111   1.00 0.41 ? 37 LYS A H    1 
ATOM 596 H HA   . LYS A 1 37 ? 1.243   -7.729  5.805   1.00 0.52 ? 37 LYS A HA   1 
ATOM 597 H HB2  . LYS A 1 37 ? -1.353  -6.324  5.432   1.00 0.79 ? 37 LYS A HB2  1 
ATOM 598 H HB3  . LYS A 1 37 ? -1.122  -7.827  4.547   1.00 0.83 ? 37 LYS A HB3  1 
ATOM 599 H HG2  . LYS A 1 37 ? -1.837  -8.832  6.457   1.00 1.63 ? 37 LYS A HG2  1 
ATOM 600 H HG3  . LYS A 1 37 ? -0.199  -8.529  7.034   1.00 1.40 ? 37 LYS A HG3  1 
ATOM 601 H HD2  . LYS A 1 37 ? -1.209  -6.164  7.665   1.00 2.25 ? 37 LYS A HD2  1 
ATOM 602 H HD3  . LYS A 1 37 ? -2.731  -7.054  7.654   1.00 2.07 ? 37 LYS A HD3  1 
ATOM 603 H HE2  . LYS A 1 37 ? -1.934  -7.219  9.891   1.00 2.84 ? 37 LYS A HE2  1 
ATOM 604 H HE3  . LYS A 1 37 ? -1.555  -8.774  9.150   1.00 2.71 ? 37 LYS A HE3  1 
ATOM 605 H HZ1  . LYS A 1 37 ? 0.418   -6.599  9.042   1.00 3.17 ? 37 LYS A HZ1  1 
ATOM 606 H HZ2  . LYS A 1 37 ? 0.252   -7.499  10.473  1.00 3.59 ? 37 LYS A HZ2  1 
ATOM 607 H HZ3  . LYS A 1 37 ? 0.666   -8.276  9.020   1.00 3.57 ? 37 LYS A HZ3  1 
ATOM 608 N N    . VAL A 1 38 ? 0.767   -5.751  3.241   1.00 0.56 ? 38 VAL A N    1 
ATOM 609 C CA   . VAL A 1 38 ? 1.089   -5.496  1.812   1.00 0.66 ? 38 VAL A CA   1 
ATOM 610 C C    . VAL A 1 38 ? 2.608   -5.229  1.622   1.00 0.65 ? 38 VAL A C    1 
ATOM 611 O O    . VAL A 1 38 ? 3.268   -5.858  0.819   1.00 0.76 ? 38 VAL A O    1 
ATOM 612 C CB   . VAL A 1 38 ? 0.240   -4.267  1.398   1.00 0.73 ? 38 VAL A CB   1 
ATOM 613 C CG1  . VAL A 1 38 ? 0.919   -3.398  0.328   1.00 0.81 ? 38 VAL A CG1  1 
ATOM 614 C CG2  . VAL A 1 38 ? -1.103  -4.761  0.873   1.00 0.88 ? 38 VAL A CG2  1 
ATOM 615 H H    . VAL A 1 38 ? 0.301   -5.050  3.754   1.00 0.52 ? 38 VAL A H    1 
ATOM 616 H HA   . VAL A 1 38 ? 0.793   -6.345  1.229   1.00 0.75 ? 38 VAL A HA   1 
ATOM 617 H HB   . VAL A 1 38 ? 0.065   -3.659  2.273   1.00 0.87 ? 38 VAL A HB   1 
ATOM 618 H HG11 . VAL A 1 38 ? 1.583   -4.008  -0.267  1.00 1.43 ? 38 VAL A HG11 1 
ATOM 619 H HG12 . VAL A 1 38 ? 0.169   -2.954  -0.307  1.00 1.19 ? 38 VAL A HG12 1 
ATOM 620 H HG13 . VAL A 1 38 ? 1.486   -2.615  0.820   1.00 1.28 ? 38 VAL A HG13 1 
ATOM 621 H HG21 . VAL A 1 38 ? -0.939  -5.451  0.059   1.00 1.22 ? 38 VAL A HG21 1 
ATOM 622 H HG22 . VAL A 1 38 ? -1.630  -5.262  1.672   1.00 1.32 ? 38 VAL A HG22 1 
ATOM 623 H HG23 . VAL A 1 38 ? -1.687  -3.921  0.527   1.00 1.52 ? 38 VAL A HG23 1 
ATOM 624 N N    . ILE A 1 39 ? 3.132   -4.271  2.335   1.00 0.56 ? 39 ILE A N    1 
ATOM 625 C CA   . ILE A 1 39 ? 4.576   -3.880  2.217   1.00 0.59 ? 39 ILE A CA   1 
ATOM 626 C C    . ILE A 1 39 ? 5.459   -5.102  2.445   1.00 0.68 ? 39 ILE A C    1 
ATOM 627 O O    . ILE A 1 39 ? 6.509   -5.250  1.848   1.00 0.82 ? 39 ILE A O    1 
ATOM 628 C CB   . ILE A 1 39 ? 4.879   -2.795  3.255   1.00 0.53 ? 39 ILE A CB   1 
ATOM 629 C CG1  . ILE A 1 39 ? 3.884   -1.656  3.112   1.00 0.52 ? 39 ILE A CG1  1 
ATOM 630 C CG2  . ILE A 1 39 ? 6.275   -2.200  3.081   1.00 0.59 ? 39 ILE A CG2  1 
ATOM 631 C CD1  . ILE A 1 39 ? 3.564   -1.134  4.486   1.00 1.01 ? 39 ILE A CD1  1 
ATOM 632 H H    . ILE A 1 39 ? 2.565   -3.788  2.940   1.00 0.50 ? 39 ILE A H    1 
ATOM 633 H HA   . ILE A 1 39 ? 4.753   -3.483  1.243   1.00 0.65 ? 39 ILE A HA   1 
ATOM 634 H HB   . ILE A 1 39 ? 4.798   -3.214  4.233   1.00 0.58 ? 39 ILE A HB   1 
ATOM 635 H HG12 . ILE A 1 39 ? 4.323   -0.865  2.525   1.00 1.17 ? 39 ILE A HG12 1 
ATOM 636 H HG13 . ILE A 1 39 ? 2.986   -1.997  2.638   1.00 1.19 ? 39 ILE A HG13 1 
ATOM 637 H HG21 . ILE A 1 39 ? 6.503   -2.121  2.030   1.00 1.06 ? 39 ILE A HG21 1 
ATOM 638 H HG22 . ILE A 1 39 ? 6.286   -1.204  3.533   1.00 1.16 ? 39 ILE A HG22 1 
ATOM 639 H HG23 . ILE A 1 39 ? 7.001   -2.827  3.570   1.00 1.24 ? 39 ILE A HG23 1 
ATOM 640 H HD11 . ILE A 1 39 ? 3.227   -1.930  5.107   1.00 1.62 ? 39 ILE A HD11 1 
ATOM 641 H HD12 . ILE A 1 39 ? 4.450   -0.692  4.914   1.00 1.66 ? 39 ILE A HD12 1 
ATOM 642 H HD13 . ILE A 1 39 ? 2.801   -0.403  4.407   1.00 1.61 ? 39 ILE A HD13 1 
ATOM 643 N N    . ASN A 1 40 ? 5.015   -5.985  3.290   1.00 0.64 ? 40 ASN A N    1 
ATOM 644 C CA   . ASN A 1 40 ? 5.784   -7.227  3.565   1.00 0.76 ? 40 ASN A CA   1 
ATOM 645 C C    . ASN A 1 40 ? 5.732   -8.116  2.325   1.00 0.87 ? 40 ASN A C    1 
ATOM 646 O O    . ASN A 1 40 ? 6.710   -8.735  1.950   1.00 0.99 ? 40 ASN A O    1 
ATOM 647 C CB   . ASN A 1 40 ? 5.139   -7.968  4.734   1.00 0.75 ? 40 ASN A CB   1 
ATOM 648 C CG   . ASN A 1 40 ? 6.057   -9.102  5.192   1.00 1.27 ? 40 ASN A CG   1 
ATOM 649 O OD1  . ASN A 1 40 ? 7.257   -9.035  5.020   1.00 1.71 ? 40 ASN A OD1  1 
ATOM 650 N ND2  . ASN A 1 40 ? 5.539   -10.149 5.775   1.00 2.06 ? 40 ASN A ND2  1 
ATOM 651 H H    . ASN A 1 40 ? 4.159   -5.835  3.736   1.00 0.55 ? 40 ASN A H    1 
ATOM 652 H HA   . ASN A 1 40 ? 6.809   -6.982  3.804   1.00 0.81 ? 40 ASN A HA   1 
ATOM 653 H HB2  . ASN A 1 40 ? 4.976   -7.280  5.551   1.00 1.03 ? 40 ASN A HB2  1 
ATOM 654 H HB3  . ASN A 1 40 ? 4.193   -8.378  4.411   1.00 1.01 ? 40 ASN A HB3  1 
ATOM 655 H HD21 . ASN A 1 40 ? 4.570   -10.203 5.915   1.00 2.39 ? 40 ASN A HD21 1 
ATOM 656 H HD22 . ASN A 1 40 ? 6.118   -10.881 6.072   1.00 2.59 ? 40 ASN A HD22 1 
ATOM 657 N N    . GLU A 1 41 ? 4.590   -8.179  1.689   1.00 0.00 ? 41 GLU A N    1 
ATOM 658 C CA   . GLU A 1 41 ? 4.452   -9.026  0.468   1.00 0.00 ? 41 GLU A CA   1 
ATOM 659 C C    . GLU A 1 41 ? 5.393   -8.509  -0.623  1.00 0.00 ? 41 GLU A C    1 
ATOM 660 O O    . GLU A 1 41 ? 5.893   -9.266  -1.433  1.00 0.00 ? 41 GLU A O    1 
ATOM 661 C CB   . GLU A 1 41 ? 3.009   -8.969  -0.033  1.00 0.00 ? 41 GLU A CB   1 
ATOM 662 C CG   . GLU A 1 41 ? 2.106   -9.760  0.916   1.00 0.00 ? 41 GLU A CG   1 
ATOM 663 C CD   . GLU A 1 41 ? 0.641   -9.457  0.597   1.00 0.00 ? 41 GLU A CD   1 
ATOM 664 O OE1  . GLU A 1 41 ? 0.352   -8.323  0.254   1.00 0.00 ? 41 GLU A OE1  1 
ATOM 665 O OE2  . GLU A 1 41 ? -0.167  -10.365 0.704   1.00 0.00 ? 41 GLU A OE2  1 
ATOM 666 H H    . GLU A 1 41 ? 3.816   -7.665  2.019   1.00 0.00 ? 41 GLU A H    1 
ATOM 667 H HA   . GLU A 1 41 ? 4.708   -10.047 0.708   1.00 0.00 ? 41 GLU A HA   1 
ATOM 668 H HB2  . GLU A 1 41 ? 2.681   -7.940  -0.072  1.00 0.00 ? 41 GLU A HB2  1 
ATOM 669 H HB3  . GLU A 1 41 ? 2.955   -9.402  -1.021  1.00 0.00 ? 41 GLU A HB3  1 
ATOM 670 H HG2  . GLU A 1 41 ? 2.292   -10.816 0.791   1.00 0.00 ? 41 GLU A HG2  1 
ATOM 671 H HG3  . GLU A 1 41 ? 2.318   -9.473  1.935   1.00 0.00 ? 41 GLU A HG3  1 
ATOM 672 N N    . SER A 1 42 ? 5.635   -7.221  -0.647  1.00 0.00 ? 42 SER A N    1 
ATOM 673 C CA   . SER A 1 42 ? 6.545   -6.638  -1.682  1.00 0.00 ? 42 SER A CA   1 
ATOM 674 C C    . SER A 1 42 ? 5.997   -6.932  -3.082  1.00 0.00 ? 42 SER A C    1 
ATOM 675 O O    . SER A 1 42 ? 6.741   -7.041  -4.037  1.00 0.00 ? 42 SER A O    1 
ATOM 676 C CB   . SER A 1 42 ? 7.941   -7.249  -1.542  1.00 0.00 ? 42 SER A CB   1 
ATOM 677 O OG   . SER A 1 42 ? 8.224   -7.464  -0.166  1.00 0.00 ? 42 SER A OG   1 
ATOM 678 H H    . SER A 1 42 ? 5.219   -6.635  0.019   1.00 0.00 ? 42 SER A H    1 
ATOM 679 H HA   . SER A 1 42 ? 6.608   -5.569  -1.541  1.00 0.00 ? 42 SER A HA   1 
ATOM 680 H HB2  . SER A 1 42 ? 7.977   -8.191  -2.063  1.00 0.00 ? 42 SER A HB2  1 
ATOM 681 H HB3  . SER A 1 42 ? 8.673   -6.577  -1.970  1.00 0.00 ? 42 SER A HB3  1 
ATOM 682 H HG   . SER A 1 42 ? 9.108   -7.137  0.010   1.00 0.00 ? 42 SER A HG   1 
ATOM 683 N N    . ASN A 1 43 ? 4.700   -7.061  -3.205  1.00 0.00 ? 43 ASN A N    1 
ATOM 684 C CA   . ASN A 1 43 ? 4.094   -7.349  -4.538  1.00 0.00 ? 43 ASN A CA   1 
ATOM 685 C C    . ASN A 1 43 ? 4.026   -6.060  -5.358  1.00 0.00 ? 43 ASN A C    1 
ATOM 686 O O    . ASN A 1 43 ? 4.466   -6.082  -6.497  1.00 0.00 ? 43 ASN A O    1 
ATOM 687 C CB   . ASN A 1 43 ? 2.681   -7.908  -4.348  1.00 0.00 ? 43 ASN A CB   1 
ATOM 688 C CG   . ASN A 1 43 ? 1.865   -6.948  -3.480  1.00 0.00 ? 43 ASN A CG   1 
ATOM 689 O OD1  . ASN A 1 43 ? 1.820   -7.089  -2.274  1.00 0.00 ? 43 ASN A OD1  1 
ATOM 690 N ND2  . ASN A 1 43 ? 1.213   -5.970  -4.047  1.00 0.00 ? 43 ASN A ND2  1 
ATOM 691 O OXT  . ASN A 1 43 ? 3.536   -5.073  -4.836  1.00 0.00 ? 43 ASN A OXT  1 
ATOM 692 H H    . ASN A 1 43 ? 4.123   -6.968  -2.418  1.00 0.00 ? 43 ASN A H    1 
ATOM 693 H HA   . ASN A 1 43 ? 4.700   -8.076  -5.059  1.00 0.00 ? 43 ASN A HA   1 
ATOM 694 H HB2  . ASN A 1 43 ? 2.205   -8.018  -5.311  1.00 0.00 ? 43 ASN A HB2  1 
ATOM 695 H HB3  . ASN A 1 43 ? 2.737   -8.870  -3.862  1.00 0.00 ? 43 ASN A HB3  1 
ATOM 696 H HD21 . ASN A 1 43 ? 1.250   -5.855  -5.019  1.00 0.00 ? 43 ASN A HD21 1 
ATOM 697 H HD22 . ASN A 1 43 ? 0.688   -5.349  -3.499  1.00 0.00 ? 43 ASN A HD22 1 
# 
